data_7K8F
#
_entry.id   7K8F
#
_cell.length_a   80.410
_cell.length_b   98.160
_cell.length_c   115.160
_cell.angle_alpha   90.000
_cell.angle_beta   109.760
_cell.angle_gamma   90.000
#
_symmetry.space_group_name_H-M   'P 1 21 1'
#
loop_
_entity.id
_entity.type
_entity.pdbx_description
1 polymer Beta-lactamase
2 non-polymer 'PHOSPHATE ION'
3 non-polymer Ceftriaxone
4 water water
#
_entity_poly.entity_id   1
_entity_poly.type   'polypeptide(L)'
_entity_poly.pdbx_seq_one_letter_code
;GADLADRFAELERRYDARLGVYVPATGTTAAIEYRADERFAFCSTFKAPLVAAVLHQNPLTHLDKLITYTSDDIRSISPV
AQQHVQTGMTIGQLCDAAIRYSDGTAANLLLADLGGPGGGTAAFTGYLRSLGDTVSRLDAEEPELNRDPPGDERDTTTPH
AIALVLQQLVLGNALPPDKRALLTDWMARNTTGAKRIRAGFPADWKVIDKTGTGDYGRANDIAVVWSPTGVPYVVAVMSD
RAGGGYDAEPREALLAEAATCVAGVLA
;
_entity_poly.pdbx_strand_id   A,B,C,D
#
loop_
_chem_comp.id
_chem_comp.type
_chem_comp.name
_chem_comp.formula
9F2 non-polymer Ceftriaxone 'C18 H18 N8 O7 S3'
PO4 non-polymer 'PHOSPHATE ION' 'O4 P -3'
#
# COMPACT_ATOMS: atom_id res chain seq x y z
N ASP A 3 -23.14 3.76 28.99
CA ASP A 3 -23.02 2.41 28.46
C ASP A 3 -21.59 2.12 27.99
N LEU A 4 -20.86 3.18 27.59
CA LEU A 4 -19.45 3.00 27.27
C LEU A 4 -18.64 2.62 28.49
N ALA A 5 -19.09 3.02 29.68
CA ALA A 5 -18.41 2.66 30.92
C ALA A 5 -18.48 1.15 31.20
N ASP A 6 -19.46 0.45 30.63
CA ASP A 6 -19.55 -0.99 30.86
C ASP A 6 -18.54 -1.76 30.00
N ARG A 7 -18.15 -1.20 28.85
CA ARG A 7 -17.12 -1.84 28.05
C ARG A 7 -15.73 -1.63 28.64
N PHE A 8 -15.48 -0.43 29.18
CA PHE A 8 -14.21 -0.18 29.86
C PHE A 8 -14.05 -1.08 31.09
N ALA A 9 -15.11 -1.20 31.89
CA ALA A 9 -15.08 -2.12 33.02
C ALA A 9 -15.04 -3.57 32.56
N GLU A 10 -15.49 -3.87 31.34
CA GLU A 10 -15.34 -5.21 30.81
C GLU A 10 -13.89 -5.47 30.40
N LEU A 11 -13.24 -4.49 29.78
CA LEU A 11 -11.84 -4.65 29.44
C LEU A 11 -10.97 -4.76 30.68
N GLU A 12 -11.34 -4.05 31.75
CA GLU A 12 -10.62 -4.17 33.01
C GLU A 12 -10.65 -5.59 33.53
N ARG A 13 -11.79 -6.28 33.35
CA ARG A 13 -11.89 -7.67 33.81
C ARG A 13 -11.00 -8.59 32.99
N ARG A 14 -10.87 -8.32 31.69
CA ARG A 14 -10.15 -9.24 30.81
C ARG A 14 -8.66 -9.26 31.10
N TYR A 15 -8.09 -8.10 31.43
CA TYR A 15 -6.65 -7.97 31.56
C TYR A 15 -6.18 -7.86 33.00
N ASP A 16 -7.09 -7.88 33.98
CA ASP A 16 -6.76 -7.67 35.40
C ASP A 16 -6.01 -6.34 35.57
N ALA A 17 -6.67 -5.27 35.16
CA ALA A 17 -6.04 -3.95 35.13
C ALA A 17 -7.04 -2.91 35.61
N ARG A 18 -6.52 -1.69 35.80
CA ARG A 18 -7.33 -0.51 36.12
C ARG A 18 -7.13 0.49 34.98
N LEU A 19 -8.25 0.90 34.37
CA LEU A 19 -8.23 1.70 33.14
C LEU A 19 -8.62 3.14 33.44
N GLY A 20 -7.85 4.08 32.90
CA GLY A 20 -8.18 5.48 32.95
C GLY A 20 -8.22 6.08 31.57
N VAL A 21 -9.36 6.67 31.19
CA VAL A 21 -9.56 7.25 29.88
C VAL A 21 -10.19 8.62 30.04
N TYR A 22 -9.71 9.59 29.27
CA TYR A 22 -10.35 10.90 29.21
C TYR A 22 -10.19 11.47 27.81
N VAL A 23 -11.29 11.91 27.24
CA VAL A 23 -11.29 12.63 25.96
C VAL A 23 -11.99 13.97 26.20
N PRO A 24 -11.27 15.09 26.13
CA PRO A 24 -11.91 16.39 26.36
C PRO A 24 -13.07 16.61 25.40
N ALA A 25 -14.13 17.21 25.93
CA ALA A 25 -15.33 17.45 25.13
C ALA A 25 -15.08 18.55 24.10
N THR A 26 -15.70 18.40 22.94
CA THR A 26 -15.65 19.40 21.88
C THR A 26 -17.04 20.01 21.69
N GLY A 27 -17.20 20.81 20.64
CA GLY A 27 -18.48 21.44 20.39
C GLY A 27 -19.59 20.49 19.99
N THR A 28 -19.24 19.30 19.50
CA THR A 28 -20.21 18.34 19.00
C THR A 28 -20.22 17.01 19.74
N THR A 29 -19.29 16.79 20.68
CA THR A 29 -19.20 15.53 21.39
C THR A 29 -19.04 15.78 22.88
N ALA A 30 -19.63 14.89 23.68
CA ALA A 30 -19.51 14.95 25.12
C ALA A 30 -18.19 14.35 25.57
N ALA A 31 -17.73 14.78 26.75
CA ALA A 31 -16.47 14.30 27.28
C ALA A 31 -16.59 12.85 27.70
N ILE A 32 -15.61 12.04 27.31
CA ILE A 32 -15.55 10.63 27.71
C ILE A 32 -14.73 10.54 29.00
N GLU A 33 -15.32 9.95 30.03
CA GLU A 33 -14.66 9.82 31.33
C GLU A 33 -14.78 8.38 31.80
N TYR A 34 -13.65 7.81 32.24
CA TYR A 34 -13.64 6.55 32.97
C TYR A 34 -12.42 6.59 33.87
N ARG A 35 -12.64 6.66 35.18
CA ARG A 35 -11.55 6.84 36.15
C ARG A 35 -10.70 8.04 35.78
N ALA A 36 -11.36 9.08 35.25
CA ALA A 36 -10.64 10.22 34.70
C ALA A 36 -9.90 11.01 35.76
N ASP A 37 -10.47 11.13 36.96
CA ASP A 37 -9.89 11.93 38.03
C ASP A 37 -9.16 11.09 39.07
N GLU A 38 -8.65 9.92 38.68
CA GLU A 38 -7.87 9.07 39.56
C GLU A 38 -6.40 9.12 39.18
N ARG A 39 -5.53 9.07 40.19
CA ARG A 39 -4.11 9.30 39.96
C ARG A 39 -3.43 8.08 39.34
N PHE A 40 -2.73 8.30 38.24
CA PHE A 40 -1.90 7.30 37.57
C PHE A 40 -0.47 7.82 37.46
N ALA A 41 0.46 6.88 37.31
CA ALA A 41 1.88 7.24 37.30
C ALA A 41 2.30 7.79 35.94
N PHE A 42 3.17 8.81 35.99
CA PHE A 42 3.65 9.46 34.77
C PHE A 42 4.37 8.47 33.85
N CYS A 43 5.42 7.83 34.37
CA CYS A 43 6.38 7.10 33.55
C CYS A 43 6.90 8.01 32.45
N SER A 44 7.12 7.47 31.26
CA SER A 44 7.72 8.29 30.21
C SER A 44 6.75 9.35 29.64
N THR A 45 5.54 9.50 30.19
CA THR A 45 4.59 10.44 29.61
C THR A 45 5.07 11.89 29.72
N PHE A 46 5.83 12.22 30.77
CA PHE A 46 6.27 13.60 30.99
C PHE A 46 7.26 14.09 29.95
N LYS A 47 7.89 13.19 29.19
CA LYS A 47 8.88 13.59 28.20
C LYS A 47 8.30 14.43 27.08
N ALA A 48 6.97 14.51 26.96
CA ALA A 48 6.36 15.36 25.94
C ALA A 48 6.17 16.78 26.46
N PRO A 49 5.57 17.01 27.64
CA PRO A 49 5.55 18.39 28.18
C PRO A 49 6.91 18.88 28.64
N LEU A 50 7.88 17.99 28.89
CA LEU A 50 9.21 18.45 29.27
C LEU A 50 9.92 19.12 28.09
N VAL A 51 9.80 18.55 26.89
CA VAL A 51 10.37 19.19 25.71
C VAL A 51 9.73 20.55 25.48
N ALA A 52 8.42 20.67 25.76
CA ALA A 52 7.78 21.96 25.63
C ALA A 52 8.25 22.95 26.70
N ALA A 53 8.65 22.44 27.88
CA ALA A 53 9.14 23.33 28.93
C ALA A 53 10.47 23.97 28.56
N VAL A 54 11.40 23.17 28.01
CA VAL A 54 12.67 23.73 27.56
C VAL A 54 12.45 24.71 26.42
N LEU A 55 11.58 24.35 25.47
CA LEU A 55 11.25 25.27 24.39
C LEU A 55 10.57 26.52 24.92
N HIS A 56 9.88 26.43 26.06
CA HIS A 56 9.13 27.57 26.58
C HIS A 56 10.04 28.63 27.16
N GLN A 57 11.14 28.24 27.79
CA GLN A 57 11.98 29.17 28.52
C GLN A 57 13.26 29.54 27.79
N ASN A 58 13.44 29.06 26.56
CA ASN A 58 14.66 29.31 25.84
C ASN A 58 14.37 29.57 24.37
N PRO A 59 15.13 30.47 23.74
CA PRO A 59 14.97 30.71 22.31
C PRO A 59 15.48 29.53 21.51
N LEU A 60 15.13 29.51 20.22
CA LEU A 60 15.43 28.35 19.38
C LEU A 60 16.91 28.09 19.19
N THR A 61 17.77 29.09 19.33
CA THR A 61 19.19 28.86 19.16
C THR A 61 19.80 28.07 20.31
N HIS A 62 19.08 27.96 21.44
CA HIS A 62 19.53 27.17 22.58
C HIS A 62 19.58 25.69 22.28
N LEU A 63 18.89 25.24 21.22
CA LEU A 63 18.91 23.84 20.83
C LEU A 63 20.27 23.42 20.28
N ASP A 64 21.16 24.36 19.98
CA ASP A 64 22.46 24.05 19.42
C ASP A 64 23.54 23.91 20.48
N LYS A 65 23.22 24.16 21.74
CA LYS A 65 24.20 24.03 22.81
C LYS A 65 24.53 22.55 23.03
N LEU A 66 25.82 22.22 22.97
CA LEU A 66 26.27 20.84 23.08
C LEU A 66 26.46 20.45 24.54
N ILE A 67 25.89 19.32 24.92
CA ILE A 67 25.99 18.79 26.28
C ILE A 67 26.88 17.55 26.25
N THR A 68 27.83 17.49 27.17
CA THR A 68 28.72 16.35 27.31
C THR A 68 28.37 15.60 28.59
N TYR A 69 28.55 14.27 28.53
CA TYR A 69 28.22 13.42 29.66
C TYR A 69 29.19 12.24 29.67
N THR A 70 29.13 11.48 30.76
CA THR A 70 29.99 10.31 30.94
C THR A 70 29.15 9.04 30.88
N SER A 71 29.85 7.91 30.77
CA SER A 71 29.17 6.63 30.77
C SER A 71 28.48 6.33 32.10
N ASP A 72 28.92 6.98 33.18
CA ASP A 72 28.27 6.79 34.47
C ASP A 72 26.91 7.47 34.57
N ASP A 73 26.58 8.36 33.63
CA ASP A 73 25.29 9.04 33.66
C ASP A 73 24.18 8.24 32.98
N ILE A 74 24.53 7.24 32.19
CA ILE A 74 23.55 6.41 31.49
C ILE A 74 23.06 5.33 32.45
N ARG A 75 21.84 5.50 32.97
CA ARG A 75 21.27 4.53 33.90
C ARG A 75 19.84 4.11 33.56
N SER A 76 19.43 4.23 32.30
CA SER A 76 18.09 3.82 31.90
C SER A 76 18.13 3.47 30.42
N ILE A 77 16.96 3.12 29.86
CA ILE A 77 16.91 2.79 28.44
C ILE A 77 17.30 4.03 27.65
N SER A 78 18.40 3.92 26.91
CA SER A 78 18.97 5.05 26.17
C SER A 78 19.57 4.54 24.89
N PRO A 79 18.74 4.31 23.86
CA PRO A 79 19.29 3.78 22.61
C PRO A 79 20.19 4.77 21.89
N VAL A 80 19.95 6.06 22.04
CA VAL A 80 20.70 7.09 21.33
C VAL A 80 21.88 7.59 22.17
N ALA A 81 21.67 7.81 23.46
CA ALA A 81 22.74 8.36 24.31
C ALA A 81 23.90 7.40 24.50
N GLN A 82 23.66 6.09 24.35
CA GLN A 82 24.72 5.11 24.49
C GLN A 82 25.75 5.22 23.37
N GLN A 83 25.39 5.85 22.25
CA GLN A 83 26.26 5.92 21.08
C GLN A 83 27.09 7.20 20.99
N HIS A 84 26.84 8.19 21.85
CA HIS A 84 27.49 9.50 21.71
C HIS A 84 28.22 9.91 22.98
N VAL A 85 28.69 8.95 23.79
CA VAL A 85 29.34 9.29 25.04
C VAL A 85 30.68 10.00 24.81
N GLN A 86 31.29 9.82 23.65
CA GLN A 86 32.55 10.50 23.34
C GLN A 86 32.34 11.84 22.68
N THR A 87 31.35 11.92 21.80
CA THR A 87 31.10 13.13 21.02
C THR A 87 30.22 14.13 21.76
N GLY A 88 29.28 13.65 22.56
CA GLY A 88 28.31 14.53 23.18
C GLY A 88 27.10 14.73 22.29
N MET A 89 26.07 15.33 22.88
CA MET A 89 24.81 15.53 22.18
C MET A 89 24.33 16.95 22.46
N THR A 90 23.81 17.60 21.42
CA THR A 90 23.26 18.93 21.61
C THR A 90 21.87 18.84 22.24
N ILE A 91 21.40 19.99 22.76
CA ILE A 91 20.07 20.03 23.36
C ILE A 91 19.02 19.63 22.33
N GLY A 92 19.21 20.05 21.07
CA GLY A 92 18.25 19.70 20.04
C GLY A 92 18.18 18.21 19.79
N GLN A 93 19.34 17.53 19.73
CA GLN A 93 19.34 16.09 19.55
C GLN A 93 18.81 15.38 20.79
N LEU A 94 18.97 15.99 21.97
CA LEU A 94 18.42 15.40 23.18
C LEU A 94 16.90 15.44 23.18
N CYS A 95 16.31 16.51 22.63
CA CYS A 95 14.86 16.55 22.49
C CYS A 95 14.37 15.50 21.50
N ASP A 96 15.02 15.42 20.34
CA ASP A 96 14.66 14.41 19.34
C ASP A 96 14.75 13.00 19.91
N ALA A 97 15.80 12.72 20.68
CA ALA A 97 15.97 11.39 21.25
C ALA A 97 14.95 11.11 22.35
N ALA A 98 14.62 12.15 23.15
CA ALA A 98 13.75 11.95 24.31
C ALA A 98 12.30 11.63 23.92
N ILE A 99 11.85 12.10 22.76
CA ILE A 99 10.48 11.91 22.33
C ILE A 99 10.36 10.77 21.32
N ARG A 100 11.19 10.78 20.28
CA ARG A 100 11.05 9.80 19.21
C ARG A 100 11.54 8.42 19.62
N TYR A 101 12.46 8.34 20.59
CA TYR A 101 12.99 7.07 21.06
C TYR A 101 12.82 6.85 22.55
N SER A 102 12.14 7.75 23.27
CA SER A 102 11.89 7.62 24.70
C SER A 102 13.20 7.45 25.48
N ASP A 103 14.24 8.15 25.03
CA ASP A 103 15.55 8.05 25.65
C ASP A 103 15.49 8.52 27.10
N GLY A 104 15.88 7.65 28.02
CA GLY A 104 15.84 8.01 29.43
C GLY A 104 16.96 8.93 29.85
N THR A 105 18.14 8.80 29.25
CA THR A 105 19.26 9.66 29.61
C THR A 105 19.05 11.08 29.10
N ALA A 106 18.52 11.23 27.89
CA ALA A 106 18.20 12.56 27.38
C ALA A 106 17.14 13.24 28.24
N ALA A 107 16.22 12.47 28.81
CA ALA A 107 15.20 13.06 29.67
C ALA A 107 15.82 13.64 30.94
N ASN A 108 16.76 12.91 31.55
CA ASN A 108 17.38 13.40 32.79
C ASN A 108 18.24 14.63 32.52
N LEU A 109 18.91 14.67 31.37
CA LEU A 109 19.71 15.84 31.03
C LEU A 109 18.82 17.06 30.77
N LEU A 110 17.68 16.87 30.11
CA LEU A 110 16.73 17.96 29.91
C LEU A 110 16.25 18.52 31.25
N LEU A 111 16.02 17.63 32.23
CA LEU A 111 15.61 18.07 33.55
C LEU A 111 16.67 18.95 34.21
N ALA A 112 17.96 18.60 34.03
CA ALA A 112 19.03 19.43 34.57
C ALA A 112 19.14 20.74 33.81
N ASP A 113 18.75 20.76 32.54
CA ASP A 113 18.72 22.02 31.79
C ASP A 113 17.63 22.94 32.32
N LEU A 114 16.57 22.38 32.91
CA LEU A 114 15.55 23.21 33.53
C LEU A 114 16.02 23.80 34.85
N GLY A 115 17.02 23.18 35.49
CA GLY A 115 17.61 23.71 36.71
C GLY A 115 16.65 23.69 37.88
N GLY A 116 17.17 24.15 39.02
CA GLY A 116 16.38 24.25 40.23
C GLY A 116 16.60 23.08 41.17
N PRO A 117 15.84 23.04 42.26
CA PRO A 117 16.01 21.96 43.24
C PRO A 117 15.47 20.64 42.70
N GLY A 118 16.04 19.55 43.22
CA GLY A 118 15.59 18.22 42.82
C GLY A 118 15.91 17.83 41.40
N GLY A 119 16.96 18.41 40.81
CA GLY A 119 17.34 18.09 39.45
C GLY A 119 16.39 18.59 38.38
N GLY A 120 15.49 19.51 38.70
CA GLY A 120 14.55 20.04 37.75
C GLY A 120 13.12 19.60 37.95
N THR A 121 12.85 18.71 38.91
CA THR A 121 11.48 18.25 39.14
C THR A 121 10.60 19.37 39.66
N ALA A 122 11.14 20.25 40.49
CA ALA A 122 10.37 21.39 40.96
C ALA A 122 10.04 22.34 39.83
N ALA A 123 11.01 22.58 38.93
CA ALA A 123 10.78 23.47 37.80
C ALA A 123 9.74 22.90 36.86
N PHE A 124 9.76 21.58 36.64
CA PHE A 124 8.80 20.95 35.74
C PHE A 124 7.38 21.03 36.30
N THR A 125 7.20 20.67 37.57
CA THR A 125 5.89 20.81 38.19
C THR A 125 5.43 22.26 38.16
N GLY A 126 6.37 23.20 38.37
CA GLY A 126 6.02 24.60 38.24
C GLY A 126 5.53 24.96 36.85
N TYR A 127 6.07 24.30 35.83
CA TYR A 127 5.58 24.54 34.47
C TYR A 127 4.15 24.06 34.30
N LEU A 128 3.83 22.89 34.84
CA LEU A 128 2.48 22.37 34.71
C LEU A 128 1.46 23.28 35.39
N ARG A 129 1.83 23.85 36.54
CA ARG A 129 0.94 24.78 37.23
C ARG A 129 0.63 26.01 36.39
N SER A 130 1.60 26.47 35.58
CA SER A 130 1.36 27.61 34.71
C SER A 130 0.33 27.30 33.63
N LEU A 131 0.10 26.02 33.34
CA LEU A 131 -0.90 25.61 32.37
C LEU A 131 -2.28 25.41 32.99
N GLY A 132 -2.38 25.41 34.32
CA GLY A 132 -3.61 25.17 35.02
C GLY A 132 -3.71 23.82 35.72
N ASP A 133 -2.68 22.99 35.64
CA ASP A 133 -2.69 21.66 36.24
C ASP A 133 -2.18 21.77 37.68
N THR A 134 -3.11 21.70 38.64
CA THR A 134 -2.79 21.77 40.05
C THR A 134 -2.84 20.41 40.72
N VAL A 135 -2.70 19.34 39.94
CA VAL A 135 -2.83 17.97 40.42
C VAL A 135 -1.55 17.17 40.18
N SER A 136 -1.04 17.19 38.95
CA SER A 136 0.14 16.41 38.61
C SER A 136 1.37 16.93 39.34
N ARG A 137 2.38 16.09 39.40
CA ARG A 137 3.62 16.42 40.11
C ARG A 137 4.68 15.41 39.70
N LEU A 138 5.89 15.89 39.47
CA LEU A 138 7.05 15.05 39.24
C LEU A 138 8.00 15.22 40.43
N ASP A 139 8.50 14.09 40.95
CA ASP A 139 9.31 14.10 42.15
C ASP A 139 10.68 13.47 42.00
N ALA A 140 10.86 12.55 41.04
CA ALA A 140 12.12 11.84 40.88
C ALA A 140 12.56 11.90 39.42
N GLU A 141 13.74 11.35 39.15
CA GLU A 141 14.30 11.28 37.81
C GLU A 141 14.26 9.83 37.30
N GLU A 142 14.72 9.63 36.07
CA GLU A 142 14.80 8.30 35.52
C GLU A 142 15.96 7.53 36.16
N PRO A 143 15.77 6.23 36.46
CA PRO A 143 14.53 5.49 36.21
C PRO A 143 13.65 5.32 37.43
N GLU A 144 13.88 6.09 38.49
CA GLU A 144 13.16 5.87 39.73
C GLU A 144 11.68 6.25 39.62
N LEU A 145 11.33 7.19 38.74
CA LEU A 145 9.96 7.69 38.64
C LEU A 145 8.97 6.64 38.12
N ASN A 146 9.44 5.45 37.75
CA ASN A 146 8.55 4.38 37.34
C ASN A 146 8.33 3.35 38.44
N ARG A 147 8.86 3.58 39.64
CA ARG A 147 8.91 2.55 40.67
C ARG A 147 8.13 2.89 41.92
N ASP A 148 7.40 4.00 41.95
CA ASP A 148 6.64 4.35 43.14
C ASP A 148 5.54 3.32 43.38
N PRO A 149 5.27 2.97 44.64
CA PRO A 149 4.26 1.96 44.94
C PRO A 149 2.86 2.46 44.61
N PRO A 150 1.90 1.55 44.44
CA PRO A 150 0.52 1.99 44.23
C PRO A 150 -0.01 2.73 45.45
N GLY A 151 -0.80 3.77 45.18
CA GLY A 151 -1.31 4.63 46.23
C GLY A 151 -0.46 5.84 46.54
N ASP A 152 0.82 5.79 46.21
CA ASP A 152 1.69 6.95 46.39
C ASP A 152 1.34 8.03 45.38
N GLU A 153 1.32 9.28 45.85
CA GLU A 153 0.96 10.41 45.00
C GLU A 153 2.15 11.03 44.28
N ARG A 154 3.36 10.53 44.49
CA ARG A 154 4.52 11.09 43.83
C ARG A 154 4.59 10.64 42.37
N ASP A 155 5.02 11.56 41.50
CA ASP A 155 5.17 11.28 40.06
C ASP A 155 3.86 10.79 39.45
N THR A 156 2.74 11.39 39.83
CA THR A 156 1.44 10.96 39.37
C THR A 156 0.74 12.06 38.57
N THR A 157 -0.19 11.64 37.72
CA THR A 157 -1.10 12.52 36.99
C THR A 157 -2.45 11.82 36.93
N THR A 158 -3.39 12.42 36.20
CA THR A 158 -4.70 11.83 35.92
C THR A 158 -5.02 11.99 34.45
N PRO A 159 -5.83 11.09 33.89
CA PRO A 159 -6.23 11.26 32.48
C PRO A 159 -6.90 12.59 32.22
N HIS A 160 -7.67 13.09 33.18
CA HIS A 160 -8.25 14.43 33.07
C HIS A 160 -7.17 15.50 32.97
N ALA A 161 -6.15 15.40 33.81
CA ALA A 161 -5.16 16.47 33.91
C ALA A 161 -4.19 16.46 32.73
N ILE A 162 -3.63 15.30 32.41
CA ILE A 162 -2.63 15.25 31.35
C ILE A 162 -3.26 15.52 29.98
N ALA A 163 -4.51 15.11 29.78
CA ALA A 163 -5.15 15.35 28.49
C ALA A 163 -5.34 16.84 28.24
N LEU A 164 -5.71 17.60 29.28
CA LEU A 164 -5.88 19.03 29.11
C LEU A 164 -4.56 19.75 28.92
N VAL A 165 -3.48 19.24 29.52
CA VAL A 165 -2.16 19.82 29.29
C VAL A 165 -1.74 19.61 27.84
N LEU A 166 -1.91 18.38 27.35
CA LEU A 166 -1.54 18.08 25.97
C LEU A 166 -2.39 18.87 24.98
N GLN A 167 -3.63 19.21 25.37
CA GLN A 167 -4.49 20.00 24.50
C GLN A 167 -3.90 21.38 24.22
N GLN A 168 -3.39 22.04 25.27
CA GLN A 168 -2.84 23.38 25.10
C GLN A 168 -1.54 23.36 24.32
N LEU A 169 -0.77 22.27 24.41
CA LEU A 169 0.55 22.23 23.80
C LEU A 169 0.50 21.95 22.30
N VAL A 170 -0.52 21.24 21.83
CA VAL A 170 -0.62 20.87 20.43
C VAL A 170 -1.73 21.63 19.71
N LEU A 171 -2.90 21.74 20.33
CA LEU A 171 -4.03 22.45 19.73
C LEU A 171 -4.23 23.87 20.28
N GLY A 172 -3.60 24.20 21.40
CA GLY A 172 -3.77 25.49 22.04
C GLY A 172 -2.65 26.47 21.74
N ASN A 173 -2.48 27.44 22.63
CA ASN A 173 -1.50 28.51 22.47
C ASN A 173 -0.43 28.50 23.55
N ALA A 174 -0.13 27.31 24.10
CA ALA A 174 0.91 27.24 25.12
C ALA A 174 2.30 27.47 24.54
N LEU A 175 2.47 27.31 23.23
CA LEU A 175 3.75 27.52 22.57
C LEU A 175 3.54 28.33 21.31
N PRO A 176 4.52 29.17 20.94
CA PRO A 176 4.46 29.86 19.65
C PRO A 176 4.47 28.87 18.49
N PRO A 177 4.02 29.29 17.31
CA PRO A 177 3.89 28.32 16.21
C PRO A 177 5.19 27.63 15.82
N ASP A 178 6.31 28.34 15.75
CA ASP A 178 7.55 27.72 15.29
C ASP A 178 8.01 26.65 16.26
N LYS A 179 7.82 26.88 17.57
CA LYS A 179 8.15 25.87 18.55
C LYS A 179 7.09 24.77 18.59
N ARG A 180 5.81 25.14 18.41
CA ARG A 180 4.76 24.13 18.38
C ARG A 180 4.97 23.14 17.23
N ALA A 181 5.57 23.60 16.12
CA ALA A 181 5.79 22.72 14.98
C ALA A 181 6.88 21.68 15.26
N LEU A 182 7.88 22.03 16.06
CA LEU A 182 8.95 21.09 16.37
C LEU A 182 8.48 20.01 17.33
N LEU A 183 7.64 20.37 18.30
CA LEU A 183 7.12 19.38 19.23
C LEU A 183 6.16 18.41 18.54
N THR A 184 5.29 18.92 17.67
CA THR A 184 4.34 18.06 16.97
C THR A 184 5.06 17.13 15.99
N ASP A 185 6.10 17.63 15.32
CA ASP A 185 6.81 16.82 14.34
C ASP A 185 7.55 15.66 15.01
N TRP A 186 8.14 15.92 16.19
CA TRP A 186 8.82 14.85 16.92
C TRP A 186 7.84 13.80 17.39
N MET A 187 6.69 14.23 17.92
CA MET A 187 5.66 13.29 18.33
C MET A 187 5.10 12.53 17.14
N ALA A 188 5.13 13.15 15.95
CA ALA A 188 4.62 12.50 14.75
C ALA A 188 5.56 11.41 14.22
N ARG A 189 6.85 11.50 14.54
CA ARG A 189 7.84 10.53 14.09
C ARG A 189 8.27 9.61 15.23
N ASN A 190 7.41 9.45 16.23
CA ASN A 190 7.66 8.51 17.31
C ASN A 190 7.73 7.08 16.77
N THR A 191 8.58 6.27 17.40
CA THR A 191 8.80 4.90 16.97
C THR A 191 8.37 3.86 17.99
N THR A 192 7.80 4.26 19.12
CA THR A 192 7.52 3.33 20.22
C THR A 192 6.04 3.15 20.50
N GLY A 193 5.16 3.71 19.69
CA GLY A 193 3.74 3.59 19.97
C GLY A 193 2.96 2.86 18.90
N ALA A 194 3.64 2.00 18.14
CA ALA A 194 3.01 1.39 16.98
C ALA A 194 1.95 0.35 17.35
N LYS A 195 1.96 -0.14 18.60
CA LYS A 195 1.05 -1.21 19.01
C LYS A 195 0.08 -0.76 20.10
N ARG A 196 -0.08 0.55 20.30
CA ARG A 196 -0.98 1.02 21.33
C ARG A 196 -2.12 1.81 20.70
N ILE A 197 -2.21 3.12 20.97
CA ILE A 197 -3.33 3.91 20.45
C ILE A 197 -3.35 3.88 18.93
N ARG A 198 -2.17 3.94 18.31
CA ARG A 198 -2.09 3.92 16.85
C ARG A 198 -2.69 2.63 16.29
N ALA A 199 -2.56 1.51 17.01
CA ALA A 199 -3.10 0.25 16.52
C ALA A 199 -4.60 0.11 16.72
N GLY A 200 -5.22 0.99 17.50
CA GLY A 200 -6.66 0.92 17.72
C GLY A 200 -7.49 1.78 16.79
N PHE A 201 -6.84 2.73 16.09
CA PHE A 201 -7.54 3.62 15.17
C PHE A 201 -7.31 3.19 13.72
N PRO A 202 -8.29 3.41 12.84
CA PRO A 202 -8.08 3.10 11.41
C PRO A 202 -6.93 3.90 10.82
N ALA A 203 -6.41 3.39 9.70
CA ALA A 203 -5.18 3.95 9.13
C ALA A 203 -5.39 5.34 8.55
N ASP A 204 -6.62 5.70 8.17
CA ASP A 204 -6.87 7.03 7.63
C ASP A 204 -6.97 8.09 8.71
N TRP A 205 -6.85 7.71 9.98
CA TRP A 205 -6.74 8.67 11.07
C TRP A 205 -5.27 8.95 11.34
N LYS A 206 -4.90 10.23 11.37
CA LYS A 206 -3.52 10.60 11.70
C LYS A 206 -3.33 10.54 13.21
N VAL A 207 -2.21 9.98 13.64
CA VAL A 207 -1.97 9.74 15.05
C VAL A 207 -0.56 10.19 15.41
N ILE A 208 -0.47 11.02 16.44
CA ILE A 208 0.79 11.37 17.09
C ILE A 208 0.64 11.01 18.56
N ASP A 209 1.70 10.51 19.17
CA ASP A 209 1.56 9.95 20.51
C ASP A 209 2.90 9.97 21.23
N LYS A 210 2.84 9.79 22.55
CA LYS A 210 4.01 9.60 23.40
C LYS A 210 3.67 8.55 24.44
N THR A 211 4.44 7.47 24.48
CA THR A 211 4.12 6.33 25.32
C THR A 211 4.78 6.45 26.68
N GLY A 212 4.34 5.58 27.60
CA GLY A 212 4.95 5.43 28.90
C GLY A 212 4.85 4.01 29.41
N THR A 213 5.90 3.52 30.06
CA THR A 213 5.91 2.17 30.58
C THR A 213 6.73 2.14 31.87
N GLY A 214 6.27 1.34 32.84
CA GLY A 214 6.97 1.19 34.10
C GLY A 214 6.67 -0.14 34.78
N ASP A 215 6.97 -0.23 36.07
CA ASP A 215 6.70 -1.43 36.84
C ASP A 215 5.23 -1.47 37.23
N TYR A 216 4.83 -2.55 37.93
CA TYR A 216 3.43 -2.77 38.30
C TYR A 216 2.52 -2.81 37.08
N GLY A 217 3.05 -3.28 35.95
CA GLY A 217 2.27 -3.39 34.74
C GLY A 217 1.74 -2.07 34.23
N ARG A 218 2.49 -0.99 34.42
CA ARG A 218 2.03 0.32 34.01
C ARG A 218 2.34 0.54 32.54
N ALA A 219 1.33 0.96 31.78
CA ALA A 219 1.48 1.27 30.36
C ALA A 219 0.54 2.40 30.03
N ASN A 220 1.09 3.53 29.56
CA ASN A 220 0.32 4.71 29.23
C ASN A 220 0.57 5.11 27.78
N ASP A 221 -0.38 5.83 27.21
CA ASP A 221 -0.22 6.44 25.89
C ASP A 221 -1.12 7.66 25.83
N ILE A 222 -0.52 8.82 25.53
CA ILE A 222 -1.26 10.07 25.29
C ILE A 222 -1.10 10.45 23.83
N ALA A 223 -2.19 10.87 23.19
CA ALA A 223 -2.16 11.07 21.75
C ALA A 223 -3.10 12.19 21.35
N VAL A 224 -2.83 12.75 20.17
CA VAL A 224 -3.75 13.63 19.47
C VAL A 224 -4.07 12.98 18.13
N VAL A 225 -5.35 12.84 17.82
CA VAL A 225 -5.76 12.15 16.61
C VAL A 225 -6.56 13.09 15.73
N TRP A 226 -6.51 12.83 14.42
CA TRP A 226 -7.23 13.62 13.43
C TRP A 226 -8.11 12.69 12.62
N SER A 227 -9.40 12.99 12.57
CA SER A 227 -10.33 12.18 11.79
C SER A 227 -10.03 12.35 10.31
N PRO A 228 -10.53 11.43 9.46
CA PRO A 228 -10.30 11.59 8.01
C PRO A 228 -10.75 12.92 7.46
N THR A 229 -11.68 13.62 8.12
CA THR A 229 -12.09 14.94 7.69
C THR A 229 -11.17 16.04 8.20
N GLY A 230 -10.44 15.80 9.28
CA GLY A 230 -9.54 16.76 9.87
C GLY A 230 -9.95 17.31 11.23
N VAL A 231 -10.84 16.63 11.95
CA VAL A 231 -11.30 17.08 13.26
C VAL A 231 -10.37 16.54 14.33
N PRO A 232 -9.80 17.39 15.19
CA PRO A 232 -8.83 16.90 16.19
C PRO A 232 -9.48 16.52 17.51
N TYR A 233 -8.92 15.47 18.13
CA TYR A 233 -9.32 15.03 19.46
C TYR A 233 -8.08 14.71 20.27
N VAL A 234 -8.24 14.77 21.59
CA VAL A 234 -7.18 14.38 22.53
C VAL A 234 -7.63 13.12 23.25
N VAL A 235 -6.73 12.14 23.31
CA VAL A 235 -7.03 10.83 23.88
C VAL A 235 -5.97 10.52 24.93
N ALA A 236 -6.40 10.31 26.16
CA ALA A 236 -5.51 9.91 27.25
C ALA A 236 -5.92 8.53 27.73
N VAL A 237 -5.04 7.55 27.57
CA VAL A 237 -5.30 6.18 27.98
C VAL A 237 -4.16 5.76 28.90
N MET A 238 -4.50 5.38 30.13
CA MET A 238 -3.53 4.96 31.13
C MET A 238 -4.00 3.68 31.80
N SER A 239 -3.05 2.88 32.26
CA SER A 239 -3.38 1.59 32.84
C SER A 239 -2.25 1.11 33.73
N ASP A 240 -2.62 0.36 34.77
CA ASP A 240 -1.66 -0.33 35.63
C ASP A 240 -2.24 -1.68 36.01
N ARG A 241 -1.40 -2.52 36.64
CA ARG A 241 -1.80 -3.86 37.08
C ARG A 241 -1.18 -4.10 38.46
N ALA A 242 -1.63 -3.31 39.44
CA ALA A 242 -1.04 -3.34 40.78
C ALA A 242 -1.25 -4.68 41.46
N GLY A 243 -2.33 -5.40 41.13
CA GLY A 243 -2.59 -6.68 41.76
C GLY A 243 -1.51 -7.73 41.53
N GLY A 244 -0.75 -7.59 40.44
CA GLY A 244 0.29 -8.54 40.09
C GLY A 244 1.65 -8.30 40.71
N GLY A 245 1.82 -7.22 41.45
CA GLY A 245 3.09 -6.93 42.09
C GLY A 245 4.01 -6.07 41.24
N TYR A 246 5.24 -5.93 41.76
CA TYR A 246 6.24 -5.12 41.08
C TYR A 246 6.60 -5.68 39.72
N ASP A 247 6.52 -7.00 39.55
CA ASP A 247 6.95 -7.68 38.33
C ASP A 247 5.81 -7.94 37.37
N ALA A 248 4.68 -7.24 37.52
CA ALA A 248 3.55 -7.43 36.62
C ALA A 248 3.90 -6.87 35.23
N GLU A 249 3.65 -7.68 34.20
CA GLU A 249 3.98 -7.24 32.84
C GLU A 249 2.87 -6.34 32.30
N PRO A 250 3.23 -5.28 31.58
CA PRO A 250 2.20 -4.43 30.97
C PRO A 250 1.58 -5.08 29.75
N ARG A 251 0.32 -4.75 29.52
CA ARG A 251 -0.48 -5.31 28.43
C ARG A 251 -0.71 -4.23 27.39
N GLU A 252 0.00 -4.32 26.25
CA GLU A 252 -0.16 -3.34 25.18
C GLU A 252 -1.52 -3.48 24.50
N ALA A 253 -2.05 -4.69 24.40
CA ALA A 253 -3.31 -4.91 23.71
C ALA A 253 -4.47 -4.20 24.43
N LEU A 254 -4.34 -3.98 25.73
CA LEU A 254 -5.40 -3.28 26.46
C LEU A 254 -5.55 -1.85 25.95
N LEU A 255 -4.44 -1.15 25.77
CA LEU A 255 -4.50 0.23 25.28
C LEU A 255 -4.99 0.29 23.84
N ALA A 256 -4.62 -0.69 23.02
CA ALA A 256 -5.10 -0.71 21.64
C ALA A 256 -6.60 -0.99 21.58
N GLU A 257 -7.09 -1.87 22.46
CA GLU A 257 -8.51 -2.19 22.45
C GLU A 257 -9.35 -0.99 22.89
N ALA A 258 -8.95 -0.33 23.98
CA ALA A 258 -9.70 0.82 24.47
C ALA A 258 -9.73 1.95 23.46
N ALA A 259 -8.66 2.11 22.66
CA ALA A 259 -8.66 3.12 21.62
C ALA A 259 -9.68 2.83 20.53
N THR A 260 -9.94 1.55 20.26
CA THR A 260 -10.98 1.20 19.30
C THR A 260 -12.36 1.57 19.84
N CYS A 261 -12.57 1.43 21.15
CA CYS A 261 -13.83 1.86 21.76
C CYS A 261 -14.04 3.36 21.61
N VAL A 262 -12.97 4.14 21.72
CA VAL A 262 -13.07 5.59 21.58
C VAL A 262 -13.32 5.97 20.12
N ALA A 263 -12.67 5.27 19.19
CA ALA A 263 -12.88 5.55 17.77
C ALA A 263 -14.32 5.30 17.35
N GLY A 264 -14.97 4.29 17.93
CA GLY A 264 -16.34 4.01 17.58
C GLY A 264 -17.31 5.07 18.07
N VAL A 265 -16.95 5.78 19.13
CA VAL A 265 -17.81 6.84 19.64
C VAL A 265 -17.61 8.13 18.87
N LEU A 266 -16.35 8.44 18.52
CA LEU A 266 -16.03 9.66 17.79
C LEU A 266 -16.37 9.59 16.30
N ALA A 267 -16.78 8.43 15.80
CA ALA A 267 -17.14 8.30 14.39
C ALA A 267 -18.56 8.78 14.15
N ASP B 3 28.73 -0.26 -22.46
CA ASP B 3 27.39 -0.78 -22.37
C ASP B 3 26.68 -0.29 -21.10
N LEU B 4 26.42 -1.22 -20.17
CA LEU B 4 25.79 -0.87 -18.90
C LEU B 4 26.76 -0.23 -17.92
N ALA B 5 28.06 -0.49 -18.06
CA ALA B 5 29.05 0.19 -17.22
C ALA B 5 29.08 1.68 -17.50
N ASP B 6 28.68 2.10 -18.69
CA ASP B 6 28.66 3.52 -19.00
C ASP B 6 27.51 4.22 -18.29
N ARG B 7 26.40 3.50 -18.05
CA ARG B 7 25.30 4.07 -17.29
C ARG B 7 25.59 4.09 -15.80
N PHE B 8 26.20 3.02 -15.28
CA PHE B 8 26.55 2.98 -13.87
C PHE B 8 27.52 4.10 -13.50
N ALA B 9 28.40 4.50 -14.43
CA ALA B 9 29.38 5.53 -14.12
C ALA B 9 28.74 6.90 -14.01
N GLU B 10 27.67 7.15 -14.77
CA GLU B 10 26.98 8.43 -14.65
C GLU B 10 26.21 8.53 -13.34
N LEU B 11 25.63 7.42 -12.86
CA LEU B 11 24.97 7.44 -11.56
C LEU B 11 25.95 7.78 -10.45
N GLU B 12 27.18 7.26 -10.55
CA GLU B 12 28.22 7.63 -9.60
C GLU B 12 28.50 9.13 -9.65
N ARG B 13 28.33 9.76 -10.81
CA ARG B 13 28.61 11.18 -10.93
C ARG B 13 27.41 12.02 -10.50
N ARG B 14 26.20 11.56 -10.77
CA ARG B 14 25.01 12.34 -10.43
C ARG B 14 24.78 12.38 -8.92
N TYR B 15 25.07 11.29 -8.22
CA TYR B 15 24.75 11.19 -6.79
C TYR B 15 25.96 11.39 -5.88
N ASP B 16 27.15 11.62 -6.43
CA ASP B 16 28.38 11.81 -5.65
C ASP B 16 28.64 10.61 -4.74
N ALA B 17 28.73 9.43 -5.35
CA ALA B 17 28.83 8.19 -4.60
C ALA B 17 29.63 7.18 -5.39
N ARG B 18 29.99 6.09 -4.71
CA ARG B 18 30.63 4.93 -5.33
C ARG B 18 29.67 3.75 -5.29
N LEU B 19 29.44 3.13 -6.46
CA LEU B 19 28.39 2.14 -6.63
C LEU B 19 28.99 0.77 -6.93
N GLY B 20 28.50 -0.25 -6.25
CA GLY B 20 28.86 -1.63 -6.54
C GLY B 20 27.66 -2.46 -6.90
N VAL B 21 27.73 -3.23 -8.00
CA VAL B 21 26.60 -3.99 -8.50
C VAL B 21 27.10 -5.36 -8.98
N TYR B 22 26.38 -6.42 -8.60
CA TYR B 22 26.69 -7.75 -9.10
C TYR B 22 25.41 -8.55 -9.26
N VAL B 23 25.25 -9.18 -10.42
CA VAL B 23 24.18 -10.14 -10.68
C VAL B 23 24.81 -11.40 -11.23
N PRO B 24 24.72 -12.54 -10.52
CA PRO B 24 25.40 -13.75 -10.99
C PRO B 24 24.82 -14.25 -12.31
N ALA B 25 25.65 -14.97 -13.05
CA ALA B 25 25.23 -15.49 -14.35
C ALA B 25 24.34 -16.70 -14.18
N THR B 26 23.31 -16.78 -15.03
CA THR B 26 22.42 -17.92 -15.09
C THR B 26 22.67 -18.71 -16.37
N GLY B 27 21.80 -19.66 -16.66
CA GLY B 27 21.95 -20.46 -17.86
C GLY B 27 21.74 -19.70 -19.15
N THR B 28 21.06 -18.55 -19.08
CA THR B 28 20.75 -17.76 -20.27
C THR B 28 21.32 -16.35 -20.24
N THR B 29 21.75 -15.84 -19.08
CA THR B 29 22.23 -14.48 -18.93
C THR B 29 23.66 -14.48 -18.43
N ALA B 30 24.43 -13.49 -18.86
CA ALA B 30 25.80 -13.31 -18.40
C ALA B 30 25.83 -12.50 -17.11
N ALA B 31 26.93 -12.61 -16.38
CA ALA B 31 27.06 -11.90 -15.12
C ALA B 31 27.15 -10.40 -15.36
N ILE B 32 26.66 -9.63 -14.39
CA ILE B 32 26.69 -8.17 -14.43
C ILE B 32 27.64 -7.71 -13.34
N GLU B 33 28.70 -7.01 -13.73
CA GLU B 33 29.77 -6.64 -12.81
C GLU B 33 30.07 -5.16 -12.91
N TYR B 34 30.16 -4.50 -11.76
CA TYR B 34 30.63 -3.11 -11.69
C TYR B 34 31.18 -2.91 -10.30
N ARG B 35 32.52 -2.83 -10.19
CA ARG B 35 33.22 -2.76 -8.90
C ARG B 35 32.82 -3.90 -7.98
N ALA B 36 32.41 -5.04 -8.54
CA ALA B 36 31.90 -6.14 -7.75
C ALA B 36 32.97 -6.85 -6.92
N ASP B 37 34.25 -6.57 -7.16
CA ASP B 37 35.33 -7.10 -6.33
C ASP B 37 35.95 -6.02 -5.45
N GLU B 38 35.27 -4.89 -5.28
CA GLU B 38 35.68 -3.88 -4.33
C GLU B 38 34.90 -4.04 -3.03
N ARG B 39 35.52 -3.64 -1.93
CA ARG B 39 35.00 -3.95 -0.60
C ARG B 39 34.13 -2.81 -0.09
N PHE B 40 32.89 -3.14 0.25
CA PHE B 40 31.94 -2.22 0.88
C PHE B 40 31.62 -2.70 2.29
N ALA B 41 31.10 -1.79 3.10
CA ALA B 41 30.79 -2.12 4.49
C ALA B 41 29.48 -2.88 4.59
N PHE B 42 29.44 -3.83 5.53
CA PHE B 42 28.27 -4.67 5.71
C PHE B 42 27.04 -3.84 6.08
N CYS B 43 27.15 -3.06 7.14
CA CYS B 43 26.01 -2.40 7.80
C CYS B 43 25.05 -3.52 8.22
N SER B 44 23.74 -3.31 8.17
CA SER B 44 22.81 -4.32 8.67
C SER B 44 22.57 -5.46 7.69
N THR B 45 23.28 -5.51 6.55
CA THR B 45 23.01 -6.56 5.58
C THR B 45 23.38 -7.94 6.10
N PHE B 46 24.29 -8.03 7.07
CA PHE B 46 24.67 -9.32 7.64
C PHE B 46 23.56 -9.97 8.43
N LYS B 47 22.48 -9.23 8.75
CA LYS B 47 21.43 -9.81 9.56
C LYS B 47 20.66 -10.91 8.83
N ALA B 48 20.80 -10.99 7.51
CA ALA B 48 20.10 -12.05 6.77
C ALA B 48 20.88 -13.37 6.87
N PRO B 49 22.19 -13.40 6.59
CA PRO B 49 22.94 -14.65 6.84
C PRO B 49 23.13 -14.95 8.31
N LEU B 50 22.98 -13.97 9.21
CA LEU B 50 23.07 -14.27 10.64
C LEU B 50 21.88 -15.10 11.09
N VAL B 51 20.67 -14.74 10.64
CA VAL B 51 19.50 -15.56 10.94
C VAL B 51 19.64 -16.94 10.31
N ALA B 52 20.25 -17.01 9.13
CA ALA B 52 20.47 -18.31 8.49
C ALA B 52 21.50 -19.13 9.23
N ALA B 53 22.47 -18.48 9.89
CA ALA B 53 23.47 -19.23 10.65
C ALA B 53 22.85 -19.89 11.87
N VAL B 54 22.00 -19.15 12.59
CA VAL B 54 21.31 -19.73 13.74
C VAL B 54 20.37 -20.83 13.30
N LEU B 55 19.65 -20.62 12.20
CA LEU B 55 18.75 -21.65 11.67
C LEU B 55 19.52 -22.91 11.29
N HIS B 56 20.78 -22.77 10.86
CA HIS B 56 21.50 -23.89 10.31
C HIS B 56 21.92 -24.89 11.40
N GLN B 57 22.27 -24.40 12.60
CA GLN B 57 22.86 -25.25 13.62
C GLN B 57 21.91 -25.60 14.76
N ASN B 58 20.62 -25.25 14.65
CA ASN B 58 19.67 -25.52 15.72
C ASN B 58 18.36 -26.02 15.13
N PRO B 59 17.67 -26.94 15.81
CA PRO B 59 16.37 -27.40 15.32
C PRO B 59 15.31 -26.33 15.45
N LEU B 60 14.21 -26.53 14.71
CA LEU B 60 13.16 -25.53 14.64
C LEU B 60 12.52 -25.25 16.00
N THR B 61 12.56 -26.22 16.92
CA THR B 61 11.99 -26.00 18.24
C THR B 61 12.83 -25.05 19.08
N HIS B 62 14.07 -24.77 18.67
CA HIS B 62 14.90 -23.79 19.36
C HIS B 62 14.33 -22.38 19.25
N LEU B 63 13.45 -22.13 18.28
CA LEU B 63 12.86 -20.82 18.10
C LEU B 63 11.92 -20.41 19.23
N ASP B 64 11.54 -21.34 20.11
CA ASP B 64 10.63 -21.08 21.21
C ASP B 64 11.35 -20.72 22.51
N LYS B 65 12.68 -20.77 22.53
CA LYS B 65 13.43 -20.44 23.73
C LYS B 65 13.32 -18.96 24.06
N LEU B 66 12.92 -18.64 25.28
CA LEU B 66 12.71 -17.27 25.71
C LEU B 66 14.03 -16.67 26.22
N ILE B 67 14.36 -15.49 25.71
CA ILE B 67 15.58 -14.78 26.09
C ILE B 67 15.17 -13.54 26.89
N THR B 68 15.83 -13.34 28.04
CA THR B 68 15.62 -12.16 28.88
C THR B 68 16.84 -11.27 28.83
N TYR B 69 16.59 -9.96 28.91
CA TYR B 69 17.66 -8.98 28.85
C TYR B 69 17.28 -7.79 29.72
N THR B 70 18.25 -6.90 29.94
CA THR B 70 18.08 -5.73 30.77
C THR B 70 18.12 -4.46 29.92
N SER B 71 17.78 -3.34 30.55
CA SER B 71 17.83 -2.04 29.88
C SER B 71 19.24 -1.66 29.49
N ASP B 72 20.25 -2.21 30.16
CA ASP B 72 21.63 -1.97 29.79
C ASP B 72 22.01 -2.65 28.49
N ASP B 73 21.17 -3.59 28.01
CA ASP B 73 21.43 -4.27 26.75
C ASP B 73 20.94 -3.47 25.55
N ILE B 74 20.08 -2.48 25.76
CA ILE B 74 19.58 -1.66 24.66
C ILE B 74 20.67 -0.62 24.41
N ARG B 75 21.47 -0.81 23.35
CA ARG B 75 22.58 0.08 23.06
C ARG B 75 22.57 0.55 21.61
N SER B 76 21.46 0.38 20.89
CA SER B 76 21.32 0.81 19.51
C SER B 76 19.83 0.92 19.19
N ILE B 77 19.53 1.27 17.95
CA ILE B 77 18.13 1.38 17.52
C ILE B 77 17.50 -0.01 17.58
N SER B 78 16.46 -0.15 18.38
CA SER B 78 15.80 -1.44 18.63
C SER B 78 14.31 -1.21 18.77
N PRO B 79 13.59 -1.15 17.66
CA PRO B 79 12.15 -0.81 17.75
C PRO B 79 11.32 -1.86 18.46
N VAL B 80 11.68 -3.13 18.38
CA VAL B 80 10.90 -4.19 19.00
C VAL B 80 11.45 -4.56 20.38
N ALA B 81 12.77 -4.66 20.52
CA ALA B 81 13.36 -5.10 21.78
C ALA B 81 13.19 -4.05 22.88
N GLN B 82 13.06 -2.77 22.53
CA GLN B 82 12.91 -1.73 23.55
C GLN B 82 11.58 -1.85 24.30
N GLN B 83 10.59 -2.51 23.72
CA GLN B 83 9.26 -2.60 24.32
C GLN B 83 9.05 -3.87 25.12
N HIS B 84 9.98 -4.82 25.07
CA HIS B 84 9.80 -6.13 25.70
C HIS B 84 10.89 -6.40 26.74
N VAL B 85 11.45 -5.34 27.31
CA VAL B 85 12.51 -5.50 28.29
C VAL B 85 11.97 -6.09 29.59
N GLN B 86 10.67 -5.94 29.85
CA GLN B 86 10.05 -6.53 31.03
C GLN B 86 9.45 -7.90 30.72
N THR B 87 8.89 -8.08 29.52
CA THR B 87 8.24 -9.34 29.16
C THR B 87 9.21 -10.38 28.62
N GLY B 88 10.27 -9.96 27.93
CA GLY B 88 11.19 -10.87 27.27
C GLY B 88 10.77 -11.21 25.85
N MET B 89 11.71 -11.83 25.13
CA MET B 89 11.52 -12.15 23.72
C MET B 89 12.10 -13.52 23.41
N THR B 90 11.37 -14.30 22.61
CA THR B 90 11.86 -15.60 22.17
C THR B 90 12.85 -15.45 21.02
N ILE B 91 13.59 -16.53 20.75
CA ILE B 91 14.53 -16.56 19.64
C ILE B 91 13.82 -16.29 18.33
N GLY B 92 12.61 -16.85 18.17
CA GLY B 92 11.87 -16.64 16.94
C GLY B 92 11.52 -15.17 16.72
N GLN B 93 11.07 -14.50 17.78
CA GLN B 93 10.77 -13.07 17.66
C GLN B 93 12.03 -12.25 17.46
N LEU B 94 13.18 -12.73 17.96
CA LEU B 94 14.43 -12.03 17.73
C LEU B 94 14.82 -12.10 16.25
N CYS B 95 14.56 -13.24 15.60
CA CYS B 95 14.81 -13.33 14.17
C CYS B 95 13.90 -12.39 13.39
N ASP B 96 12.60 -12.42 13.71
CA ASP B 96 11.64 -11.55 13.02
C ASP B 96 12.02 -10.08 13.19
N ALA B 97 12.43 -9.69 14.40
CA ALA B 97 12.78 -8.30 14.64
C ALA B 97 14.08 -7.92 13.96
N ALA B 98 15.03 -8.85 13.89
CA ALA B 98 16.34 -8.52 13.32
C ALA B 98 16.27 -8.28 11.83
N ILE B 99 15.32 -8.90 11.14
CA ILE B 99 15.21 -8.80 9.69
C ILE B 99 14.13 -7.80 9.28
N ARG B 100 12.92 -7.93 9.83
CA ARG B 100 11.82 -7.10 9.36
C ARG B 100 11.93 -5.65 9.85
N TYR B 101 12.59 -5.42 10.97
CA TYR B 101 12.75 -4.08 11.53
C TYR B 101 14.22 -3.69 11.72
N SER B 102 15.15 -4.54 11.30
CA SER B 102 16.59 -4.26 11.41
C SER B 102 16.97 -3.95 12.86
N ASP B 103 16.34 -4.66 13.80
CA ASP B 103 16.59 -4.44 15.22
C ASP B 103 18.05 -4.70 15.56
N GLY B 104 18.72 -3.68 16.11
CA GLY B 104 20.12 -3.81 16.45
C GLY B 104 20.36 -4.64 17.69
N THR B 105 19.44 -4.58 18.67
CA THR B 105 19.58 -5.36 19.88
C THR B 105 19.32 -6.84 19.61
N ALA B 106 18.32 -7.15 18.78
CA ALA B 106 18.05 -8.54 18.42
C ALA B 106 19.22 -9.17 17.68
N ALA B 107 19.95 -8.38 16.88
CA ALA B 107 21.12 -8.92 16.19
C ALA B 107 22.21 -9.31 17.17
N ASN B 108 22.45 -8.47 18.19
CA ASN B 108 23.50 -8.76 19.15
C ASN B 108 23.16 -9.97 20.00
N LEU B 109 21.89 -10.13 20.37
CA LEU B 109 21.49 -11.30 21.14
C LEU B 109 21.59 -12.57 20.31
N LEU B 110 21.18 -12.49 19.03
CA LEU B 110 21.34 -13.61 18.11
C LEU B 110 22.81 -13.99 17.96
N LEU B 111 23.69 -12.98 17.88
CA LEU B 111 25.12 -13.25 17.79
C LEU B 111 25.62 -14.00 19.02
N ALA B 112 25.09 -13.67 20.20
CA ALA B 112 25.47 -14.37 21.42
C ALA B 112 24.93 -15.80 21.44
N ASP B 113 23.81 -16.05 20.76
CA ASP B 113 23.31 -17.41 20.63
C ASP B 113 24.24 -18.25 19.76
N LEU B 114 24.98 -17.61 18.85
CA LEU B 114 25.95 -18.32 18.03
C LEU B 114 27.19 -18.72 18.84
N GLY B 115 27.44 -18.04 19.95
CA GLY B 115 28.55 -18.38 20.82
C GLY B 115 29.91 -18.12 20.17
N GLY B 116 30.95 -18.42 20.95
CA GLY B 116 32.30 -18.28 20.47
C GLY B 116 32.93 -16.99 20.90
N PRO B 117 34.16 -16.72 20.44
CA PRO B 117 34.85 -15.51 20.85
C PRO B 117 34.24 -14.26 20.21
N GLY B 118 34.43 -13.14 20.88
CA GLY B 118 33.94 -11.87 20.37
C GLY B 118 32.43 -11.76 20.35
N GLY B 119 31.74 -12.49 21.22
CA GLY B 119 30.29 -12.44 21.24
C GLY B 119 29.60 -13.06 20.06
N GLY B 120 30.31 -13.88 19.28
CA GLY B 120 29.74 -14.53 18.11
C GLY B 120 30.25 -14.04 16.77
N THR B 121 31.11 -13.02 16.73
CA THR B 121 31.62 -12.53 15.46
C THR B 121 32.51 -13.57 14.79
N ALA B 122 33.28 -14.32 15.57
CA ALA B 122 34.10 -15.38 15.00
C ALA B 122 33.24 -16.51 14.46
N ALA B 123 32.16 -16.85 15.17
CA ALA B 123 31.27 -17.91 14.70
C ALA B 123 30.58 -17.52 13.41
N PHE B 124 30.17 -16.25 13.28
CA PHE B 124 29.49 -15.82 12.07
C PHE B 124 30.43 -15.86 10.86
N THR B 125 31.65 -15.34 11.03
CA THR B 125 32.63 -15.40 9.94
C THR B 125 32.92 -16.83 9.51
N GLY B 126 32.99 -17.75 10.48
CA GLY B 126 33.19 -19.15 10.15
C GLY B 126 32.08 -19.73 9.30
N TYR B 127 30.85 -19.25 9.50
CA TYR B 127 29.73 -19.72 8.69
C TYR B 127 29.90 -19.32 7.23
N LEU B 128 30.33 -18.07 6.98
CA LEU B 128 30.55 -17.63 5.61
C LEU B 128 31.66 -18.43 4.94
N ARG B 129 32.73 -18.75 5.69
CA ARG B 129 33.81 -19.54 5.12
C ARG B 129 33.34 -20.91 4.71
N SER B 130 32.42 -21.51 5.48
CA SER B 130 31.87 -22.80 5.11
C SER B 130 31.03 -22.74 3.85
N LEU B 131 30.54 -21.54 3.48
CA LEU B 131 29.75 -21.38 2.28
C LEU B 131 30.58 -21.08 1.04
N GLY B 132 31.88 -20.83 1.20
CA GLY B 132 32.74 -20.48 0.07
C GLY B 132 33.17 -19.02 0.06
N ASP B 133 32.78 -18.24 1.06
CA ASP B 133 33.07 -16.83 1.12
C ASP B 133 34.45 -16.65 1.76
N THR B 134 35.45 -16.33 0.93
CA THR B 134 36.82 -16.16 1.39
C THR B 134 37.25 -14.70 1.45
N VAL B 135 36.30 -13.77 1.45
CA VAL B 135 36.65 -12.34 1.44
C VAL B 135 35.99 -11.61 2.60
N SER B 136 34.69 -11.83 2.80
CA SER B 136 33.95 -11.09 3.81
C SER B 136 34.45 -11.43 5.21
N ARG B 137 34.12 -10.54 6.16
CA ARG B 137 34.55 -10.68 7.54
C ARG B 137 33.72 -9.76 8.42
N LEU B 138 33.29 -10.26 9.57
CA LEU B 138 32.63 -9.47 10.59
C LEU B 138 33.53 -9.41 11.81
N ASP B 139 33.72 -8.21 12.34
CA ASP B 139 34.66 -7.99 13.44
C ASP B 139 34.07 -7.30 14.67
N ALA B 140 32.95 -6.58 14.55
CA ALA B 140 32.38 -5.86 15.68
C ALA B 140 30.90 -6.20 15.82
N GLU B 141 30.28 -5.65 16.86
CA GLU B 141 28.86 -5.81 17.13
C GLU B 141 28.15 -4.48 16.86
N GLU B 142 26.84 -4.49 17.03
CA GLU B 142 26.06 -3.27 16.88
C GLU B 142 26.29 -2.35 18.06
N PRO B 143 26.40 -1.03 17.84
CA PRO B 143 26.32 -0.37 16.53
C PRO B 143 27.70 0.00 15.95
N GLU B 144 28.76 -0.58 16.49
CA GLU B 144 30.11 -0.18 16.11
C GLU B 144 30.44 -0.61 14.68
N LEU B 145 29.85 -1.70 14.18
CA LEU B 145 30.20 -2.22 12.87
C LEU B 145 29.77 -1.33 11.71
N ASN B 146 29.08 -0.22 11.99
CA ASN B 146 28.71 0.74 10.95
C ASN B 146 29.64 1.95 10.90
N ARG B 147 30.70 1.97 11.70
CA ARG B 147 31.51 3.16 11.89
C ARG B 147 32.97 2.99 11.48
N ASP B 148 33.33 1.87 10.85
CA ASP B 148 34.72 1.66 10.47
C ASP B 148 35.15 2.73 9.47
N PRO B 149 36.37 3.22 9.55
CA PRO B 149 36.81 4.31 8.66
C PRO B 149 36.90 3.83 7.23
N PRO B 150 36.90 4.75 6.27
CA PRO B 150 37.07 4.34 4.86
C PRO B 150 38.44 3.69 4.65
N GLY B 151 38.46 2.63 3.86
CA GLY B 151 39.67 1.88 3.62
C GLY B 151 39.91 0.74 4.59
N ASP B 152 39.32 0.80 5.78
CA ASP B 152 39.46 -0.29 6.75
C ASP B 152 38.71 -1.51 6.25
N GLU B 153 39.33 -2.67 6.42
CA GLU B 153 38.77 -3.92 5.93
C GLU B 153 37.87 -4.62 6.93
N ARG B 154 37.70 -4.07 8.12
CA ARG B 154 36.84 -4.70 9.12
C ARG B 154 35.37 -4.50 8.78
N ASP B 155 34.57 -5.54 9.03
CA ASP B 155 33.13 -5.51 8.76
C ASP B 155 32.83 -5.23 7.29
N THR B 156 33.60 -5.86 6.40
CA THR B 156 33.51 -5.61 4.96
C THR B 156 33.10 -6.85 4.19
N THR B 157 32.49 -6.62 3.03
CA THR B 157 32.19 -7.67 2.05
C THR B 157 32.39 -7.08 0.67
N THR B 158 32.02 -7.84 -0.37
CA THR B 158 32.04 -7.38 -1.74
C THR B 158 30.73 -7.79 -2.42
N PRO B 159 30.28 -7.03 -3.42
CA PRO B 159 29.05 -7.43 -4.13
C PRO B 159 29.14 -8.81 -4.76
N HIS B 160 30.32 -9.21 -5.23
CA HIS B 160 30.48 -10.56 -5.75
C HIS B 160 30.21 -11.59 -4.66
N ALA B 161 30.72 -11.35 -3.45
CA ALA B 161 30.67 -12.34 -2.39
C ALA B 161 29.27 -12.44 -1.78
N ILE B 162 28.66 -11.30 -1.46
CA ILE B 162 27.38 -11.34 -0.79
C ILE B 162 26.29 -11.88 -1.72
N ALA B 163 26.41 -11.61 -3.02
CA ALA B 163 25.42 -12.15 -3.96
C ALA B 163 25.49 -13.66 -4.04
N LEU B 164 26.70 -14.22 -4.00
CA LEU B 164 26.83 -15.68 -4.07
C LEU B 164 26.38 -16.34 -2.78
N VAL B 165 26.60 -15.68 -1.64
CA VAL B 165 26.11 -16.22 -0.37
C VAL B 165 24.60 -16.22 -0.33
N LEU B 166 23.98 -15.11 -0.73
CA LEU B 166 22.52 -15.03 -0.73
C LEU B 166 21.90 -16.05 -1.69
N GLN B 167 22.58 -16.33 -2.81
CA GLN B 167 22.04 -17.29 -3.77
C GLN B 167 21.89 -18.68 -3.14
N GLN B 168 22.91 -19.13 -2.41
CA GLN B 168 22.85 -20.45 -1.79
C GLN B 168 21.80 -20.52 -0.69
N LEU B 169 21.53 -19.40 -0.02
CA LEU B 169 20.63 -19.43 1.13
C LEU B 169 19.16 -19.44 0.72
N VAL B 170 18.84 -18.89 -0.44
CA VAL B 170 17.46 -18.80 -0.91
C VAL B 170 17.21 -19.72 -2.11
N LEU B 171 18.13 -19.72 -3.08
CA LEU B 171 17.98 -20.54 -4.27
C LEU B 171 18.77 -21.84 -4.23
N GLY B 172 19.72 -21.97 -3.31
CA GLY B 172 20.58 -23.14 -3.23
C GLY B 172 20.13 -24.11 -2.16
N ASN B 173 21.08 -24.94 -1.70
CA ASN B 173 20.80 -26.00 -0.74
C ASN B 173 21.56 -25.80 0.56
N ALA B 174 21.85 -24.55 0.92
CA ALA B 174 22.53 -24.29 2.18
C ALA B 174 21.64 -24.54 3.38
N LEU B 175 20.32 -24.56 3.20
CA LEU B 175 19.36 -24.78 4.27
C LEU B 175 18.31 -25.79 3.84
N PRO B 176 17.79 -26.58 4.77
CA PRO B 176 16.66 -27.47 4.47
C PRO B 176 15.42 -26.68 4.08
N PRO B 177 14.46 -27.30 3.40
CA PRO B 177 13.32 -26.52 2.86
C PRO B 177 12.51 -25.81 3.92
N ASP B 178 12.23 -26.45 5.06
CA ASP B 178 11.38 -25.84 6.07
C ASP B 178 12.04 -24.61 6.71
N LYS B 179 13.36 -24.67 6.93
CA LYS B 179 14.06 -23.52 7.49
C LYS B 179 14.28 -22.43 6.45
N ARG B 180 14.57 -22.83 5.20
CA ARG B 180 14.73 -21.87 4.11
C ARG B 180 13.46 -21.06 3.89
N ALA B 181 12.30 -21.65 4.16
CA ALA B 181 11.03 -20.94 3.99
C ALA B 181 10.83 -19.85 5.02
N LEU B 182 11.34 -20.02 6.25
CA LEU B 182 11.18 -18.98 7.26
C LEU B 182 12.06 -17.78 6.95
N LEU B 183 13.26 -18.01 6.44
CA LEU B 183 14.14 -16.91 6.09
C LEU B 183 13.56 -16.11 4.93
N THR B 184 13.00 -16.80 3.94
CA THR B 184 12.39 -16.11 2.80
C THR B 184 11.16 -15.32 3.20
N ASP B 185 10.34 -15.87 4.10
CA ASP B 185 9.11 -15.20 4.50
C ASP B 185 9.40 -13.93 5.29
N TRP B 186 10.42 -13.96 6.14
CA TRP B 186 10.81 -12.76 6.87
C TRP B 186 11.32 -11.68 5.94
N MET B 187 12.17 -12.07 4.97
CA MET B 187 12.64 -11.11 3.98
C MET B 187 11.52 -10.60 3.09
N ALA B 188 10.47 -11.41 2.90
CA ALA B 188 9.38 -10.98 2.04
C ALA B 188 8.49 -9.93 2.69
N ARG B 189 8.44 -9.91 4.02
CA ARG B 189 7.65 -8.92 4.75
C ARG B 189 8.52 -7.87 5.43
N ASN B 190 9.71 -7.61 4.89
CA ASN B 190 10.54 -6.51 5.38
C ASN B 190 9.79 -5.20 5.21
N THR B 191 10.05 -4.28 6.14
CA THR B 191 9.37 -2.99 6.16
C THR B 191 10.29 -1.81 5.88
N THR B 192 11.58 -2.06 5.60
CA THR B 192 12.56 -0.98 5.47
C THR B 192 13.17 -0.84 4.09
N GLY B 193 12.72 -1.60 3.10
CA GLY B 193 13.34 -1.55 1.79
C GLY B 193 12.45 -1.07 0.67
N ALA B 194 11.40 -0.31 1.01
CA ALA B 194 10.40 0.08 0.03
C ALA B 194 10.92 1.09 -0.99
N LYS B 195 12.04 1.75 -0.71
CA LYS B 195 12.53 2.82 -1.57
C LYS B 195 13.88 2.50 -2.22
N ARG B 196 14.29 1.22 -2.21
CA ARG B 196 15.60 0.86 -2.75
C ARG B 196 15.37 -0.07 -3.93
N ILE B 197 15.82 -1.33 -3.85
CA ILE B 197 15.72 -2.24 -5.00
C ILE B 197 14.26 -2.47 -5.35
N ARG B 198 13.39 -2.58 -4.34
CA ARG B 198 11.97 -2.79 -4.59
C ARG B 198 11.37 -1.67 -5.41
N ALA B 199 11.83 -0.43 -5.20
CA ALA B 199 11.29 0.72 -5.92
C ALA B 199 11.82 0.84 -7.34
N GLY B 200 12.87 0.10 -7.69
CA GLY B 200 13.43 0.15 -9.02
C GLY B 200 12.90 -0.88 -9.98
N PHE B 201 12.20 -1.92 -9.47
CA PHE B 201 11.62 -2.99 -10.26
C PHE B 201 10.11 -2.80 -10.43
N PRO B 202 9.56 -3.25 -11.55
CA PRO B 202 8.10 -3.17 -11.75
C PRO B 202 7.37 -3.97 -10.67
N ALA B 203 6.08 -3.64 -10.50
CA ALA B 203 5.30 -4.21 -9.40
C ALA B 203 4.99 -5.69 -9.59
N ASP B 204 4.96 -6.18 -10.83
CA ASP B 204 4.69 -7.60 -11.06
C ASP B 204 5.89 -8.48 -10.82
N TRP B 205 7.03 -7.90 -10.43
CA TRP B 205 8.20 -8.67 -9.99
C TRP B 205 8.17 -8.84 -8.49
N LYS B 206 8.35 -10.07 -8.04
CA LYS B 206 8.42 -10.30 -6.62
C LYS B 206 9.81 -9.96 -6.09
N VAL B 207 9.87 -9.30 -4.94
CA VAL B 207 11.12 -8.79 -4.38
C VAL B 207 11.16 -9.11 -2.89
N ILE B 208 12.23 -9.78 -2.46
CA ILE B 208 12.57 -9.95 -1.05
C ILE B 208 13.97 -9.39 -0.86
N ASP B 209 14.20 -8.72 0.27
CA ASP B 209 15.43 -7.96 0.41
C ASP B 209 15.76 -7.76 1.89
N LYS B 210 17.00 -7.35 2.14
CA LYS B 210 17.47 -6.93 3.45
C LYS B 210 18.38 -5.73 3.28
N THR B 211 18.03 -4.63 3.95
CA THR B 211 18.74 -3.37 3.75
C THR B 211 19.87 -3.20 4.77
N GLY B 212 20.72 -2.22 4.50
CA GLY B 212 21.76 -1.81 5.43
C GLY B 212 22.05 -0.33 5.29
N THR B 213 22.29 0.36 6.41
CA THR B 213 22.56 1.78 6.37
C THR B 213 23.52 2.15 7.49
N GLY B 214 24.43 3.08 7.20
CA GLY B 214 25.39 3.51 8.19
C GLY B 214 25.90 4.91 7.95
N ASP B 215 27.02 5.26 8.57
CA ASP B 215 27.62 6.57 8.37
C ASP B 215 28.36 6.60 7.03
N TYR B 216 28.95 7.75 6.72
CA TYR B 216 29.64 7.97 5.45
C TYR B 216 28.70 7.76 4.26
N GLY B 217 27.41 8.03 4.46
CA GLY B 217 26.45 7.88 3.37
C GLY B 217 26.33 6.48 2.82
N ARG B 218 26.46 5.46 3.67
CA ARG B 218 26.39 4.08 3.20
C ARG B 218 24.94 3.62 3.12
N ALA B 219 24.59 3.03 1.98
CA ALA B 219 23.24 2.48 1.79
C ALA B 219 23.36 1.26 0.89
N ASN B 220 22.95 0.11 1.41
CA ASN B 220 23.03 -1.17 0.70
C ASN B 220 21.67 -1.82 0.63
N ASP B 221 21.52 -2.71 -0.36
CA ASP B 221 20.33 -3.55 -0.48
C ASP B 221 20.70 -4.82 -1.23
N ILE B 222 20.47 -5.97 -0.62
CA ILE B 222 20.66 -7.27 -1.27
C ILE B 222 19.29 -7.90 -1.41
N ALA B 223 19.03 -8.49 -2.58
CA ALA B 223 17.68 -8.93 -2.88
C ALA B 223 17.69 -10.13 -3.80
N VAL B 224 16.59 -10.86 -3.78
CA VAL B 224 16.26 -11.87 -4.78
C VAL B 224 14.97 -11.43 -5.44
N VAL B 225 14.97 -11.38 -6.78
CA VAL B 225 13.81 -10.92 -7.54
C VAL B 225 13.34 -12.03 -8.46
N TRP B 226 12.05 -12.03 -8.75
CA TRP B 226 11.42 -13.02 -9.62
C TRP B 226 10.68 -12.31 -10.74
N SER B 227 11.02 -12.64 -11.98
CA SER B 227 10.36 -12.05 -13.14
C SER B 227 8.92 -12.53 -13.23
N PRO B 228 8.08 -11.82 -13.99
CA PRO B 228 6.69 -12.27 -14.17
C PRO B 228 6.56 -13.70 -14.69
N THR B 229 7.59 -14.23 -15.35
CA THR B 229 7.58 -15.62 -15.79
C THR B 229 7.96 -16.58 -14.67
N GLY B 230 8.72 -16.11 -13.70
CA GLY B 230 9.16 -16.93 -12.59
C GLY B 230 10.64 -17.24 -12.57
N VAL B 231 11.46 -16.49 -13.30
CA VAL B 231 12.90 -16.74 -13.34
C VAL B 231 13.54 -15.96 -12.21
N PRO B 232 14.30 -16.60 -11.33
CA PRO B 232 14.89 -15.88 -10.19
C PRO B 232 16.28 -15.33 -10.49
N TYR B 233 16.53 -14.15 -9.93
CA TYR B 233 17.84 -13.53 -9.97
C TYR B 233 18.12 -12.97 -8.59
N VAL B 234 19.41 -12.87 -8.25
CA VAL B 234 19.85 -12.22 -7.02
C VAL B 234 20.64 -10.99 -7.40
N VAL B 235 20.34 -9.87 -6.75
CA VAL B 235 20.91 -8.57 -7.08
C VAL B 235 21.50 -7.97 -5.81
N ALA B 236 22.79 -7.64 -5.85
CA ALA B 236 23.48 -6.99 -4.75
C ALA B 236 23.91 -5.60 -5.20
N VAL B 237 23.38 -4.58 -4.56
CA VAL B 237 23.70 -3.18 -4.86
C VAL B 237 24.17 -2.50 -3.58
N MET B 238 25.38 -1.97 -3.61
CA MET B 238 25.99 -1.35 -2.44
C MET B 238 26.57 0.01 -2.83
N SER B 239 26.61 0.94 -1.87
CA SER B 239 27.08 2.28 -2.15
C SER B 239 27.56 2.95 -0.87
N ASP B 240 28.44 3.94 -1.04
CA ASP B 240 28.84 4.81 0.06
C ASP B 240 29.21 6.17 -0.52
N ARG B 241 29.38 7.14 0.37
CA ARG B 241 29.77 8.50 0.02
C ARG B 241 30.88 8.95 0.95
N ALA B 242 31.97 8.19 0.98
CA ALA B 242 33.01 8.38 1.98
C ALA B 242 33.67 9.74 1.88
N GLY B 243 33.75 10.31 0.67
CA GLY B 243 34.35 11.61 0.49
C GLY B 243 33.64 12.74 1.23
N GLY B 244 32.34 12.57 1.51
CA GLY B 244 31.56 13.58 2.20
C GLY B 244 31.66 13.58 3.71
N GLY B 245 32.38 12.62 4.29
CA GLY B 245 32.66 12.63 5.71
C GLY B 245 31.80 11.67 6.49
N TYR B 246 31.99 11.71 7.81
CA TYR B 246 31.28 10.81 8.70
C TYR B 246 29.77 11.04 8.68
N ASP B 247 29.33 12.27 8.44
CA ASP B 247 27.92 12.61 8.50
C ASP B 247 27.29 12.77 7.12
N ALA B 248 27.91 12.20 6.09
CA ALA B 248 27.34 12.28 4.74
C ALA B 248 26.00 11.55 4.69
N GLU B 249 25.02 12.19 4.08
CA GLU B 249 23.69 11.61 4.02
C GLU B 249 23.61 10.57 2.91
N PRO B 250 23.05 9.39 3.17
CA PRO B 250 22.94 8.39 2.12
C PRO B 250 21.83 8.75 1.15
N ARG B 251 21.88 8.12 -0.03
CA ARG B 251 20.92 8.38 -1.10
C ARG B 251 20.22 7.08 -1.47
N GLU B 252 18.91 7.02 -1.23
CA GLU B 252 18.14 5.83 -1.57
C GLU B 252 17.73 5.81 -3.03
N ALA B 253 17.60 6.97 -3.67
CA ALA B 253 17.25 7.00 -5.08
C ALA B 253 18.37 6.42 -5.95
N LEU B 254 19.62 6.50 -5.48
CA LEU B 254 20.73 5.91 -6.23
C LEU B 254 20.56 4.40 -6.35
N LEU B 255 20.06 3.75 -5.29
CA LEU B 255 19.84 2.31 -5.34
C LEU B 255 18.64 1.96 -6.20
N ALA B 256 17.60 2.79 -6.20
CA ALA B 256 16.43 2.50 -7.02
C ALA B 256 16.73 2.68 -8.50
N GLU B 257 17.50 3.72 -8.86
CA GLU B 257 17.85 3.94 -10.26
C GLU B 257 18.74 2.82 -10.79
N ALA B 258 19.71 2.36 -9.99
CA ALA B 258 20.53 1.24 -10.42
C ALA B 258 19.70 -0.02 -10.60
N ALA B 259 18.69 -0.19 -9.74
CA ALA B 259 17.80 -1.34 -9.88
C ALA B 259 17.02 -1.27 -11.20
N THR B 260 16.66 -0.07 -11.64
CA THR B 260 15.96 0.05 -12.92
C THR B 260 16.87 -0.29 -14.10
N CYS B 261 18.17 0.04 -14.00
CA CYS B 261 19.09 -0.30 -15.08
C CYS B 261 19.30 -1.80 -15.18
N VAL B 262 19.35 -2.50 -14.04
CA VAL B 262 19.51 -3.94 -14.05
C VAL B 262 18.27 -4.61 -14.64
N ALA B 263 17.08 -4.07 -14.34
CA ALA B 263 15.86 -4.67 -14.85
C ALA B 263 15.79 -4.60 -16.38
N GLY B 264 16.26 -3.49 -16.95
CA GLY B 264 16.22 -3.35 -18.40
C GLY B 264 17.04 -4.40 -19.12
N VAL B 265 18.13 -4.86 -18.51
CA VAL B 265 18.98 -5.87 -19.13
C VAL B 265 18.49 -7.28 -18.83
N LEU B 266 17.73 -7.49 -17.76
CA LEU B 266 17.15 -8.78 -17.45
C LEU B 266 15.83 -9.03 -18.16
N ALA B 267 15.22 -8.00 -18.76
CA ALA B 267 13.95 -8.18 -19.44
C ALA B 267 14.16 -8.73 -20.84
N ASP C 3 24.00 -3.15 -28.33
CA ASP C 3 23.36 -2.20 -27.42
C ASP C 3 21.88 -2.53 -27.24
N LEU C 4 21.06 -1.48 -27.09
CA LEU C 4 19.63 -1.69 -26.91
C LEU C 4 18.98 -2.28 -28.15
N ALA C 5 19.47 -1.90 -29.34
CA ALA C 5 18.85 -2.39 -30.58
C ALA C 5 18.99 -3.89 -30.73
N ASP C 6 20.04 -4.49 -30.16
CA ASP C 6 20.19 -5.93 -30.24
C ASP C 6 19.22 -6.65 -29.30
N ARG C 7 18.79 -5.98 -28.23
CA ARG C 7 17.82 -6.59 -27.31
C ARG C 7 16.43 -6.63 -27.94
N PHE C 8 16.08 -5.62 -28.73
CA PHE C 8 14.76 -5.59 -29.36
C PHE C 8 14.58 -6.74 -30.34
N ALA C 9 15.61 -7.02 -31.14
CA ALA C 9 15.53 -8.14 -32.07
C ALA C 9 15.47 -9.47 -31.35
N GLU C 10 16.02 -9.55 -30.13
CA GLU C 10 15.87 -10.75 -29.34
C GLU C 10 14.43 -10.92 -28.86
N LEU C 11 13.79 -9.82 -28.41
CA LEU C 11 12.38 -9.90 -28.06
C LEU C 11 11.53 -10.26 -29.26
N GLU C 12 11.96 -9.88 -30.47
CA GLU C 12 11.17 -10.15 -31.66
C GLU C 12 11.06 -11.65 -31.93
N ARG C 13 12.18 -12.38 -31.83
CA ARG C 13 12.15 -13.81 -32.10
C ARG C 13 11.66 -14.63 -30.91
N ARG C 14 11.72 -14.09 -29.70
CA ARG C 14 11.18 -14.81 -28.55
C ARG C 14 9.66 -14.73 -28.47
N TYR C 15 9.07 -13.62 -28.92
CA TYR C 15 7.63 -13.49 -28.98
C TYR C 15 7.06 -13.73 -30.36
N ASP C 16 7.91 -13.85 -31.38
CA ASP C 16 7.50 -14.12 -32.76
C ASP C 16 6.59 -13.01 -33.28
N ALA C 17 7.18 -11.83 -33.42
CA ALA C 17 6.41 -10.63 -33.73
C ALA C 17 7.31 -9.62 -34.43
N ARG C 18 6.71 -8.50 -34.81
CA ARG C 18 7.42 -7.36 -35.39
C ARG C 18 7.24 -6.18 -34.43
N LEU C 19 8.34 -5.79 -33.78
CA LEU C 19 8.31 -4.76 -32.76
C LEU C 19 8.73 -3.42 -33.33
N GLY C 20 8.01 -2.37 -32.94
CA GLY C 20 8.34 -1.01 -33.32
C GLY C 20 8.35 -0.11 -32.10
N VAL C 21 9.47 0.54 -31.83
CA VAL C 21 9.63 1.40 -30.66
C VAL C 21 10.19 2.74 -31.11
N TYR C 22 9.65 3.82 -30.54
CA TYR C 22 10.21 5.15 -30.75
C TYR C 22 9.98 5.99 -29.50
N VAL C 23 11.07 6.55 -28.97
CA VAL C 23 11.02 7.51 -27.88
C VAL C 23 11.66 8.81 -28.36
N PRO C 24 10.89 9.87 -28.57
CA PRO C 24 11.50 11.15 -28.98
C PRO C 24 12.61 11.57 -28.02
N ALA C 25 13.68 12.11 -28.58
CA ALA C 25 14.81 12.54 -27.78
C ALA C 25 14.47 13.77 -26.96
N THR C 26 15.14 13.92 -25.83
CA THR C 26 15.04 15.07 -24.96
C THR C 26 16.41 15.72 -24.80
N GLY C 27 16.48 16.75 -23.96
CA GLY C 27 17.75 17.43 -23.74
C GLY C 27 18.80 16.56 -23.08
N THR C 28 18.39 15.48 -22.41
CA THR C 28 19.31 14.60 -21.69
C THR C 28 19.48 13.24 -22.35
N THR C 29 18.51 12.78 -23.12
CA THR C 29 18.54 11.44 -23.70
C THR C 29 18.45 11.53 -25.22
N ALA C 30 19.13 10.59 -25.89
CA ALA C 30 19.04 10.47 -27.33
C ALA C 30 17.80 9.67 -27.71
N ALA C 31 17.35 9.87 -28.95
CA ALA C 31 16.14 9.22 -29.40
C ALA C 31 16.34 7.72 -29.53
N ILE C 32 15.35 6.95 -29.11
CA ILE C 32 15.34 5.50 -29.26
C ILE C 32 14.57 5.16 -30.53
N GLU C 33 15.16 4.33 -31.39
CA GLU C 33 14.55 3.97 -32.66
C GLU C 33 14.77 2.49 -32.92
N TYR C 34 13.68 1.75 -33.11
CA TYR C 34 13.71 0.39 -33.60
C TYR C 34 12.50 0.21 -34.49
N ARG C 35 12.73 0.06 -35.80
CA ARG C 35 11.65 0.04 -36.79
C ARG C 35 10.77 1.28 -36.66
N ALA C 36 11.43 2.41 -36.35
CA ALA C 36 10.69 3.62 -35.99
C ALA C 36 9.91 4.20 -37.17
N ASP C 37 10.40 4.02 -38.39
CA ASP C 37 9.76 4.59 -39.58
C ASP C 37 9.03 3.54 -40.41
N GLU C 38 8.72 2.39 -39.83
CA GLU C 38 7.93 1.37 -40.49
C GLU C 38 6.46 1.53 -40.09
N ARG C 39 5.58 1.18 -41.02
CA ARG C 39 4.14 1.38 -40.82
C ARG C 39 3.55 0.29 -39.94
N PHE C 40 2.75 0.71 -38.96
CA PHE C 40 1.93 -0.18 -38.16
C PHE C 40 0.50 0.34 -38.18
N ALA C 41 -0.45 -0.54 -37.85
CA ALA C 41 -1.86 -0.18 -37.90
C ALA C 41 -2.25 0.64 -36.68
N PHE C 42 -3.10 1.65 -36.91
CA PHE C 42 -3.60 2.49 -35.83
C PHE C 42 -4.28 1.66 -34.74
N CYS C 43 -5.29 0.88 -35.14
CA CYS C 43 -6.25 0.29 -34.22
C CYS C 43 -6.85 1.39 -33.35
N SER C 44 -7.10 1.11 -32.07
CA SER C 44 -7.79 2.06 -31.22
C SER C 44 -6.93 3.26 -30.79
N THR C 45 -5.67 3.33 -31.20
CA THR C 45 -4.81 4.41 -30.73
C THR C 45 -5.24 5.78 -31.24
N PHE C 46 -6.02 5.83 -32.32
CA PHE C 46 -6.52 7.09 -32.87
C PHE C 46 -7.61 7.73 -32.03
N LYS C 47 -8.19 6.99 -31.07
CA LYS C 47 -9.24 7.56 -30.24
C LYS C 47 -8.74 8.68 -29.35
N ALA C 48 -7.42 8.75 -29.11
CA ALA C 48 -6.90 9.82 -28.28
C ALA C 48 -6.74 11.12 -29.07
N PRO C 49 -6.11 11.13 -30.26
CA PRO C 49 -6.10 12.39 -31.04
C PRO C 49 -7.46 12.77 -31.59
N LEU C 50 -8.41 11.84 -31.69
CA LEU C 50 -9.75 12.20 -32.15
C LEU C 50 -10.47 13.05 -31.12
N VAL C 51 -10.34 12.70 -29.83
CA VAL C 51 -10.93 13.53 -28.78
C VAL C 51 -10.33 14.93 -28.81
N ALA C 52 -9.04 15.04 -29.14
CA ALA C 52 -8.43 16.36 -29.26
C ALA C 52 -8.97 17.12 -30.46
N ALA C 53 -9.38 16.41 -31.52
CA ALA C 53 -9.94 17.06 -32.68
C ALA C 53 -11.28 17.71 -32.37
N VAL C 54 -12.14 17.01 -31.61
CA VAL C 54 -13.41 17.59 -31.21
C VAL C 54 -13.18 18.80 -30.31
N LEU C 55 -12.25 18.68 -29.36
CA LEU C 55 -11.91 19.82 -28.52
C LEU C 55 -11.29 20.95 -29.33
N HIS C 56 -10.61 20.63 -30.43
CA HIS C 56 -9.93 21.65 -31.22
C HIS C 56 -10.89 22.54 -31.98
N GLN C 57 -12.01 22.00 -32.45
CA GLN C 57 -12.92 22.73 -33.33
C GLN C 57 -14.21 23.18 -32.66
N ASN C 58 -14.36 22.96 -31.36
CA ASN C 58 -15.63 23.29 -30.70
C ASN C 58 -15.37 23.88 -29.32
N PRO C 59 -16.20 24.84 -28.91
CA PRO C 59 -16.08 25.39 -27.56
C PRO C 59 -16.51 24.38 -26.51
N LEU C 60 -16.11 24.64 -25.27
CA LEU C 60 -16.36 23.70 -24.18
C LEU C 60 -17.84 23.46 -23.95
N THR C 61 -18.71 24.38 -24.37
CA THR C 61 -20.14 24.18 -24.23
C THR C 61 -20.66 23.13 -25.19
N HIS C 62 -19.89 22.78 -26.24
CA HIS C 62 -20.31 21.73 -27.16
C HIS C 62 -20.35 20.37 -26.51
N LEU C 63 -19.71 20.19 -25.35
CA LEU C 63 -19.71 18.91 -24.65
C LEU C 63 -21.08 18.57 -24.10
N ASP C 64 -22.02 19.51 -24.06
CA ASP C 64 -23.33 19.28 -23.48
C ASP C 64 -24.37 18.85 -24.51
N LYS C 65 -24.03 18.85 -25.80
CA LYS C 65 -24.98 18.44 -26.81
C LYS C 65 -25.27 16.95 -26.72
N LEU C 66 -26.55 16.59 -26.60
CA LEU C 66 -26.95 15.20 -26.44
C LEU C 66 -27.11 14.56 -27.81
N ILE C 67 -26.49 13.38 -27.98
CA ILE C 67 -26.56 12.63 -29.22
C ILE C 67 -27.40 11.39 -28.97
N THR C 68 -28.34 11.12 -29.88
CA THR C 68 -29.17 9.93 -29.82
C THR C 68 -28.79 8.97 -30.94
N TYR C 69 -28.89 7.67 -30.65
CA TYR C 69 -28.53 6.64 -31.62
C TYR C 69 -29.43 5.43 -31.39
N THR C 70 -29.35 4.47 -32.31
CA THR C 70 -30.13 3.25 -32.26
C THR C 70 -29.23 2.06 -31.97
N SER C 71 -29.87 0.93 -31.65
CA SER C 71 -29.13 -0.30 -31.40
C SER C 71 -28.40 -0.80 -32.63
N ASP C 72 -28.83 -0.40 -33.83
CA ASP C 72 -28.14 -0.80 -35.04
C ASP C 72 -26.81 -0.08 -35.23
N ASP C 73 -26.52 0.95 -34.45
CA ASP C 73 -25.27 1.68 -34.60
C ASP C 73 -24.11 1.00 -33.89
N ILE C 74 -24.38 0.08 -32.97
CA ILE C 74 -23.34 -0.64 -32.24
C ILE C 74 -22.89 -1.86 -33.05
N ARG C 75 -21.71 -1.77 -33.66
CA ARG C 75 -21.17 -3.03 -34.16
C ARG C 75 -19.70 -3.18 -33.80
N SER C 76 -19.32 -2.79 -32.58
CA SER C 76 -17.97 -2.98 -32.04
C SER C 76 -18.05 -3.06 -30.52
N ILE C 77 -16.91 -3.23 -29.88
CA ILE C 77 -16.89 -3.29 -28.43
C ILE C 77 -17.29 -1.95 -27.86
N SER C 78 -18.40 -1.91 -27.13
CA SER C 78 -18.96 -0.66 -26.61
C SER C 78 -19.57 -0.92 -25.25
N PRO C 79 -18.75 -0.94 -24.19
CA PRO C 79 -19.29 -1.21 -22.86
C PRO C 79 -20.19 -0.10 -22.35
N VAL C 80 -19.96 1.14 -22.75
CA VAL C 80 -20.73 2.28 -22.26
C VAL C 80 -21.91 2.59 -23.15
N ALA C 81 -21.71 2.55 -24.48
CA ALA C 81 -22.77 2.93 -25.40
C ALA C 81 -23.93 1.95 -25.40
N GLN C 82 -23.69 0.69 -25.03
CA GLN C 82 -24.78 -0.29 -24.99
C GLN C 82 -25.82 0.02 -23.92
N GLN C 83 -25.47 0.86 -22.93
CA GLN C 83 -26.36 1.13 -21.81
C GLN C 83 -27.21 2.38 -21.96
N HIS C 84 -26.99 3.19 -22.99
CA HIS C 84 -27.68 4.47 -23.15
C HIS C 84 -28.40 4.57 -24.49
N VAL C 85 -28.84 3.43 -25.05
CA VAL C 85 -29.51 3.48 -26.34
C VAL C 85 -30.87 4.14 -26.23
N GLN C 86 -31.46 4.17 -25.03
CA GLN C 86 -32.74 4.85 -24.83
C GLN C 86 -32.55 6.30 -24.41
N THR C 87 -31.57 6.58 -23.56
CA THR C 87 -31.37 7.93 -23.03
C THR C 87 -30.53 8.81 -23.95
N GLY C 88 -29.53 8.23 -24.62
CA GLY C 88 -28.58 9.01 -25.38
C GLY C 88 -27.42 9.47 -24.51
N MET C 89 -26.39 10.00 -25.17
CA MET C 89 -25.19 10.42 -24.49
C MET C 89 -24.74 11.76 -25.05
N THR C 90 -24.27 12.64 -24.17
CA THR C 90 -23.73 13.91 -24.61
C THR C 90 -22.33 13.70 -25.19
N ILE C 91 -21.85 14.73 -25.91
CA ILE C 91 -20.52 14.66 -26.50
C ILE C 91 -19.47 14.45 -25.42
N GLY C 92 -19.65 15.08 -24.26
CA GLY C 92 -18.68 14.93 -23.18
C GLY C 92 -18.54 13.51 -22.69
N GLN C 93 -19.66 12.81 -22.51
CA GLN C 93 -19.59 11.42 -22.08
C GLN C 93 -19.05 10.53 -23.19
N LEU C 94 -19.26 10.92 -24.45
CA LEU C 94 -18.70 10.16 -25.56
C LEU C 94 -17.17 10.26 -25.59
N CYS C 95 -16.64 11.43 -25.23
CA CYS C 95 -15.19 11.59 -25.10
C CYS C 95 -14.64 10.74 -23.96
N ASP C 96 -15.29 10.81 -22.79
CA ASP C 96 -14.88 10.01 -21.65
C ASP C 96 -14.93 8.52 -22.00
N ALA C 97 -15.96 8.09 -22.72
CA ALA C 97 -16.09 6.68 -23.08
C ALA C 97 -15.07 6.26 -24.13
N ALA C 98 -14.72 7.16 -25.06
CA ALA C 98 -13.83 6.79 -26.16
C ALA C 98 -12.40 6.54 -25.69
N ILE C 99 -11.97 7.19 -24.63
CA ILE C 99 -10.59 7.09 -24.15
C ILE C 99 -10.48 6.12 -22.99
N ARG C 100 -11.34 6.26 -21.97
CA ARG C 100 -11.20 5.48 -20.76
C ARG C 100 -11.64 4.02 -20.94
N TYR C 101 -12.53 3.76 -21.89
CA TYR C 101 -13.01 2.40 -22.13
C TYR C 101 -12.80 1.91 -23.54
N SER C 102 -12.17 2.70 -24.41
CA SER C 102 -11.95 2.32 -25.80
C SER C 102 -13.28 1.97 -26.48
N ASP C 103 -14.32 2.71 -26.14
CA ASP C 103 -15.64 2.46 -26.72
C ASP C 103 -15.61 2.67 -28.22
N GLY C 104 -15.95 1.62 -28.97
CA GLY C 104 -15.94 1.71 -30.42
C GLY C 104 -17.11 2.50 -30.98
N THR C 105 -18.28 2.43 -30.34
CA THR C 105 -19.43 3.18 -30.82
C THR C 105 -19.26 4.67 -30.56
N ALA C 106 -18.72 5.03 -29.40
CA ALA C 106 -18.43 6.42 -29.11
C ALA C 106 -17.39 6.99 -30.08
N ALA C 107 -16.46 6.15 -30.52
CA ALA C 107 -15.46 6.60 -31.49
C ALA C 107 -16.11 6.96 -32.83
N ASN C 108 -17.04 6.13 -33.30
CA ASN C 108 -17.68 6.39 -34.58
C ASN C 108 -18.60 7.61 -34.51
N LEU C 109 -19.27 7.82 -33.37
CA LEU C 109 -20.11 9.01 -33.23
C LEU C 109 -19.26 10.28 -33.21
N LEU C 110 -18.12 10.24 -32.52
CA LEU C 110 -17.21 11.39 -32.54
C LEU C 110 -16.71 11.66 -33.96
N LEU C 111 -16.41 10.61 -34.72
CA LEU C 111 -16.00 10.80 -36.12
C LEU C 111 -17.10 11.48 -36.91
N ALA C 112 -18.36 11.14 -36.63
CA ALA C 112 -19.48 11.82 -37.29
C ALA C 112 -19.61 13.26 -36.80
N ASP C 113 -19.15 13.55 -35.58
CA ASP C 113 -19.16 14.93 -35.12
C ASP C 113 -18.17 15.79 -35.91
N LEU C 114 -17.10 15.20 -36.44
CA LEU C 114 -16.18 15.92 -37.31
C LEU C 114 -16.72 16.13 -38.71
N GLY C 115 -17.66 15.29 -39.16
CA GLY C 115 -18.26 15.46 -40.47
C GLY C 115 -17.26 15.24 -41.59
N GLY C 116 -17.74 15.40 -42.81
CA GLY C 116 -16.90 15.30 -43.98
C GLY C 116 -16.98 13.95 -44.67
N PRO C 117 -16.16 13.77 -45.70
CA PRO C 117 -16.21 12.52 -46.48
C PRO C 117 -15.65 11.35 -45.68
N GLY C 118 -16.12 10.15 -46.03
CA GLY C 118 -15.67 8.95 -45.38
C GLY C 118 -16.10 8.83 -43.94
N GLY C 119 -17.20 9.47 -43.56
CA GLY C 119 -17.68 9.43 -42.20
C GLY C 119 -16.83 10.20 -41.20
N GLY C 120 -15.94 11.06 -41.68
CA GLY C 120 -15.06 11.83 -40.82
C GLY C 120 -13.60 11.41 -40.87
N THR C 121 -13.27 10.35 -41.61
CA THR C 121 -11.89 9.90 -41.70
C THR C 121 -11.03 10.92 -42.43
N ALA C 122 -11.59 11.58 -43.44
CA ALA C 122 -10.84 12.61 -44.14
C ALA C 122 -10.58 13.80 -43.22
N ALA C 123 -11.56 14.17 -42.41
CA ALA C 123 -11.38 15.29 -41.49
C ALA C 123 -10.33 14.97 -40.44
N PHE C 124 -10.32 13.73 -39.96
CA PHE C 124 -9.35 13.35 -38.94
C PHE C 124 -7.93 13.38 -39.51
N THR C 125 -7.74 12.78 -40.69
CA THR C 125 -6.43 12.85 -41.34
C THR C 125 -6.04 14.30 -41.59
N GLY C 126 -7.00 15.13 -41.98
CA GLY C 126 -6.73 16.54 -42.14
C GLY C 126 -6.26 17.19 -40.85
N TYR C 127 -6.76 16.71 -39.71
CA TYR C 127 -6.31 17.21 -38.42
C TYR C 127 -4.86 16.81 -38.16
N LEU C 128 -4.50 15.56 -38.49
CA LEU C 128 -3.13 15.11 -38.28
C LEU C 128 -2.15 15.92 -39.11
N ARG C 129 -2.51 16.24 -40.36
CA ARG C 129 -1.63 17.03 -41.21
C ARG C 129 -1.36 18.40 -40.61
N SER C 130 -2.35 18.99 -39.93
CA SER C 130 -2.14 20.27 -39.27
C SER C 130 -1.15 20.16 -38.12
N LEU C 131 -0.89 18.96 -37.63
CA LEU C 131 0.12 18.76 -36.60
C LEU C 131 1.50 18.47 -37.19
N GLY C 132 1.59 18.21 -38.49
CA GLY C 132 2.85 17.91 -39.15
C GLY C 132 3.03 16.47 -39.59
N ASP C 133 2.04 15.60 -39.35
CA ASP C 133 2.14 14.18 -39.68
C ASP C 133 1.69 13.97 -41.12
N THR C 134 2.65 13.74 -42.02
CA THR C 134 2.38 13.54 -43.44
C THR C 134 2.49 12.08 -43.84
N VAL C 135 2.36 11.15 -42.89
CA VAL C 135 2.55 9.73 -43.13
C VAL C 135 1.30 8.94 -42.75
N SER C 136 0.78 9.17 -41.55
CA SER C 136 -0.37 8.42 -41.06
C SER C 136 -1.63 8.76 -41.85
N ARG C 137 -2.62 7.89 -41.74
CA ARG C 137 -3.89 8.05 -42.46
C ARG C 137 -4.92 7.12 -41.84
N LEU C 138 -6.13 7.62 -41.65
CA LEU C 138 -7.26 6.81 -41.25
C LEU C 138 -8.24 6.77 -42.41
N ASP C 139 -8.73 5.57 -42.73
CA ASP C 139 -9.57 5.39 -43.91
C ASP C 139 -10.93 4.76 -43.65
N ALA C 140 -11.09 4.00 -42.56
CA ALA C 140 -12.33 3.29 -42.28
C ALA C 140 -12.77 3.58 -40.86
N GLU C 141 -13.93 3.03 -40.49
CA GLU C 141 -14.50 3.15 -39.16
C GLU C 141 -14.38 1.83 -38.40
N GLU C 142 -14.83 1.84 -37.16
CA GLU C 142 -14.85 0.62 -36.37
C GLU C 142 -15.93 -0.33 -36.87
N PRO C 143 -15.67 -1.64 -36.95
CA PRO C 143 -14.41 -2.27 -36.57
C PRO C 143 -13.51 -2.60 -37.75
N GLU C 144 -13.78 -1.99 -38.91
CA GLU C 144 -13.04 -2.35 -40.11
C GLU C 144 -11.60 -1.86 -40.05
N LEU C 145 -11.34 -0.78 -39.30
CA LEU C 145 -10.01 -0.18 -39.26
C LEU C 145 -8.98 -1.06 -38.57
N ASN C 146 -9.38 -2.19 -37.99
CA ASN C 146 -8.47 -3.16 -37.40
C ASN C 146 -8.22 -4.36 -38.31
N ARG C 147 -8.77 -4.37 -39.53
CA ARG C 147 -8.80 -5.57 -40.35
C ARG C 147 -8.03 -5.46 -41.66
N ASP C 148 -7.30 -4.37 -41.87
CA ASP C 148 -6.55 -4.23 -43.11
C ASP C 148 -5.47 -5.31 -43.20
N PRO C 149 -5.21 -5.86 -44.38
CA PRO C 149 -4.22 -6.93 -44.51
C PRO C 149 -2.81 -6.40 -44.29
N PRO C 150 -1.86 -7.29 -43.99
CA PRO C 150 -0.46 -6.84 -43.87
C PRO C 150 0.05 -6.32 -45.21
N GLY C 151 0.83 -5.24 -45.14
CA GLY C 151 1.33 -4.57 -46.32
C GLY C 151 0.44 -3.45 -46.83
N ASP C 152 -0.84 -3.46 -46.48
CA ASP C 152 -1.72 -2.37 -46.86
C ASP C 152 -1.36 -1.11 -46.07
N GLU C 153 -1.36 0.03 -46.76
CA GLU C 153 -1.00 1.29 -46.14
C GLU C 153 -2.18 2.05 -45.55
N ARG C 154 -3.40 1.52 -45.70
CA ARG C 154 -4.57 2.19 -45.16
C ARG C 154 -4.67 1.98 -43.66
N ASP C 155 -5.13 3.01 -42.95
CA ASP C 155 -5.31 3.00 -41.49
C ASP C 155 -4.01 2.67 -40.76
N THR C 156 -2.89 3.21 -41.26
CA THR C 156 -1.58 2.92 -40.69
C THR C 156 -0.92 4.19 -40.18
N THR C 157 0.02 4.00 -39.25
CA THR C 157 0.90 5.05 -38.74
C THR C 157 2.27 4.43 -38.54
N THR C 158 3.18 5.19 -37.92
CA THR C 158 4.50 4.71 -37.54
C THR C 158 4.80 5.14 -36.12
N PRO C 159 5.65 4.39 -35.40
CA PRO C 159 6.01 4.82 -34.03
C PRO C 159 6.62 6.20 -34.00
N HIS C 160 7.38 6.56 -35.04
CA HIS C 160 7.92 7.91 -35.14
C HIS C 160 6.80 8.94 -35.22
N ALA C 161 5.76 8.67 -36.02
CA ALA C 161 4.75 9.67 -36.30
C ALA C 161 3.79 9.87 -35.13
N ILE C 162 3.26 8.78 -34.59
CA ILE C 162 2.26 8.90 -33.53
C ILE C 162 2.89 9.45 -32.25
N ALA C 163 4.16 9.13 -32.00
CA ALA C 163 4.82 9.62 -30.79
C ALA C 163 4.98 11.13 -30.84
N LEU C 164 5.31 11.69 -32.00
CA LEU C 164 5.48 13.13 -32.09
C LEU C 164 4.14 13.87 -31.99
N VAL C 165 3.06 13.25 -32.48
CA VAL C 165 1.74 13.84 -32.35
C VAL C 165 1.31 13.90 -30.89
N LEU C 166 1.51 12.79 -30.15
CA LEU C 166 1.12 12.75 -28.75
C LEU C 166 1.91 13.74 -27.91
N GLN C 167 3.12 14.08 -28.34
CA GLN C 167 3.91 15.05 -27.58
C GLN C 167 3.30 16.44 -27.65
N GLN C 168 2.77 16.82 -28.82
CA GLN C 168 2.16 18.13 -28.96
C GLN C 168 0.83 18.22 -28.19
N LEU C 169 0.13 17.09 -28.05
CA LEU C 169 -1.21 17.12 -27.45
C LEU C 169 -1.15 17.14 -25.93
N VAL C 170 -0.10 16.60 -25.33
CA VAL C 170 0.01 16.51 -23.88
C VAL C 170 1.09 17.45 -23.34
N LEU C 171 2.26 17.47 -23.97
CA LEU C 171 3.36 18.34 -23.53
C LEU C 171 3.48 19.63 -24.32
N GLY C 172 2.84 19.73 -25.49
CA GLY C 172 2.95 20.89 -26.35
C GLY C 172 1.78 21.85 -26.21
N ASN C 173 1.56 22.64 -27.26
CA ASN C 173 0.55 23.69 -27.26
C ASN C 173 -0.52 23.46 -28.31
N ALA C 174 -0.81 22.20 -28.65
CA ALA C 174 -1.87 21.94 -29.62
C ALA C 174 -3.26 22.25 -29.07
N LEU C 175 -3.43 22.31 -27.76
CA LEU C 175 -4.73 22.56 -27.17
C LEU C 175 -4.61 23.63 -26.09
N PRO C 176 -5.65 24.44 -25.91
CA PRO C 176 -5.66 25.38 -24.78
C PRO C 176 -5.64 24.64 -23.46
N PRO C 177 -5.24 25.32 -22.38
CA PRO C 177 -5.03 24.63 -21.10
C PRO C 177 -6.26 23.89 -20.57
N ASP C 178 -7.43 24.53 -20.64
CA ASP C 178 -8.63 23.92 -20.06
C ASP C 178 -9.01 22.65 -20.80
N LYS C 179 -8.82 22.64 -22.12
CA LYS C 179 -9.09 21.45 -22.90
C LYS C 179 -7.98 20.42 -22.72
N ARG C 180 -6.73 20.88 -22.63
CA ARG C 180 -5.61 19.97 -22.40
C ARG C 180 -5.76 19.24 -21.06
N ALA C 181 -6.37 19.88 -20.07
CA ALA C 181 -6.54 19.23 -18.78
C ALA C 181 -7.56 18.10 -18.85
N LEU C 182 -8.58 18.25 -19.69
CA LEU C 182 -9.59 17.20 -19.82
C LEU C 182 -9.06 16.00 -20.58
N LEU C 183 -8.24 16.23 -21.62
CA LEU C 183 -7.68 15.13 -22.38
C LEU C 183 -6.68 14.33 -21.54
N THR C 184 -5.81 15.03 -20.81
CA THR C 184 -4.82 14.35 -19.97
C THR C 184 -5.50 13.61 -18.82
N ASP C 185 -6.55 14.20 -18.24
CA ASP C 185 -7.23 13.56 -17.12
C ASP C 185 -7.93 12.28 -17.55
N TRP C 186 -8.52 12.27 -18.75
CA TRP C 186 -9.15 11.07 -19.27
C TRP C 186 -8.13 9.98 -19.55
N MET C 187 -7.00 10.34 -20.17
CA MET C 187 -5.94 9.36 -20.40
C MET C 187 -5.34 8.85 -19.10
N ALA C 188 -5.39 9.67 -18.04
CA ALA C 188 -4.87 9.25 -16.75
C ALA C 188 -5.78 8.25 -16.05
N ARG C 189 -7.07 8.25 -16.38
CA ARG C 189 -8.06 7.35 -15.80
C ARG C 189 -8.48 6.25 -16.78
N ASN C 190 -7.60 5.92 -17.73
CA ASN C 190 -7.84 4.80 -18.63
C ASN C 190 -7.91 3.49 -17.84
N THR C 191 -8.73 2.56 -18.32
CA THR C 191 -8.92 1.29 -17.63
C THR C 191 -8.43 0.08 -18.41
N THR C 192 -7.85 0.26 -19.59
CA THR C 192 -7.54 -0.88 -20.46
C THR C 192 -6.04 -1.08 -20.69
N GLY C 193 -5.18 -0.31 -20.02
CA GLY C 193 -3.76 -0.42 -20.29
C GLY C 193 -2.92 -0.90 -19.12
N ALA C 194 -3.55 -1.65 -18.21
CA ALA C 194 -2.87 -2.04 -16.97
C ALA C 194 -1.78 -3.07 -17.19
N LYS C 195 -1.77 -3.76 -18.33
CA LYS C 195 -0.85 -4.88 -18.55
C LYS C 195 0.15 -4.60 -19.68
N ARG C 196 0.28 -3.34 -20.09
CA ARG C 196 1.19 -3.03 -21.19
C ARG C 196 2.29 -2.09 -20.72
N ILE C 197 2.31 -0.85 -21.23
CA ILE C 197 3.40 0.05 -20.88
C ILE C 197 3.42 0.32 -19.38
N ARG C 198 2.24 0.46 -18.78
CA ARG C 198 2.14 0.69 -17.33
C ARG C 198 2.75 -0.44 -16.53
N ALA C 199 2.65 -1.68 -17.03
CA ALA C 199 3.18 -2.83 -16.31
C ALA C 199 4.69 -2.99 -16.45
N GLY C 200 5.32 -2.30 -17.39
CA GLY C 200 6.75 -2.40 -17.60
C GLY C 200 7.58 -1.36 -16.88
N PHE C 201 6.94 -0.28 -16.35
CA PHE C 201 7.57 0.80 -15.64
C PHE C 201 7.35 0.65 -14.14
N PRO C 202 8.31 1.09 -13.31
CA PRO C 202 8.12 1.03 -11.86
C PRO C 202 6.93 1.86 -11.42
N ALA C 203 6.42 1.55 -10.22
CA ALA C 203 5.18 2.15 -9.75
C ALA C 203 5.33 3.62 -9.40
N ASP C 204 6.53 4.08 -9.07
CA ASP C 204 6.71 5.51 -8.79
C ASP C 204 6.81 6.35 -10.04
N TRP C 205 6.71 5.73 -11.22
CA TRP C 205 6.58 6.47 -12.47
C TRP C 205 5.09 6.61 -12.77
N LYS C 206 4.65 7.84 -13.01
CA LYS C 206 3.28 8.11 -13.41
C LYS C 206 3.12 7.83 -14.90
N VAL C 207 2.01 7.18 -15.26
CA VAL C 207 1.79 6.70 -16.61
C VAL C 207 0.36 7.06 -17.04
N ILE C 208 0.25 7.70 -18.20
CA ILE C 208 -1.02 7.88 -18.89
C ILE C 208 -0.86 7.28 -20.29
N ASP C 209 -1.90 6.61 -20.78
CA ASP C 209 -1.74 5.84 -22.01
C ASP C 209 -3.09 5.63 -22.68
N LYS C 210 -3.01 5.23 -23.96
CA LYS C 210 -4.18 4.80 -24.72
C LYS C 210 -3.76 3.62 -25.60
N THR C 211 -4.46 2.50 -25.46
CA THR C 211 -4.08 1.25 -26.11
C THR C 211 -4.76 1.10 -27.46
N GLY C 212 -4.28 0.11 -28.22
CA GLY C 212 -4.89 -0.29 -29.48
C GLY C 212 -4.72 -1.77 -29.72
N THR C 213 -5.74 -2.43 -30.28
CA THR C 213 -5.67 -3.86 -30.54
C THR C 213 -6.47 -4.19 -31.79
N GLY C 214 -5.97 -5.14 -32.58
CA GLY C 214 -6.64 -5.56 -33.79
C GLY C 214 -6.31 -6.99 -34.19
N ASP C 215 -6.59 -7.36 -35.43
CA ASP C 215 -6.29 -8.70 -35.93
C ASP C 215 -4.80 -8.79 -36.28
N TYR C 216 -4.39 -9.98 -36.72
CA TYR C 216 -2.98 -10.27 -37.01
C TYR C 216 -2.07 -10.06 -35.81
N GLY C 217 -2.61 -10.28 -34.61
CA GLY C 217 -1.81 -10.13 -33.40
C GLY C 217 -1.31 -8.73 -33.17
N ARG C 218 -2.08 -7.72 -33.56
CA ARG C 218 -1.65 -6.34 -33.41
C ARG C 218 -1.96 -5.85 -32.00
N ALA C 219 -0.95 -5.26 -31.36
CA ALA C 219 -1.10 -4.71 -30.02
C ALA C 219 -0.24 -3.46 -29.92
N ASN C 220 -0.86 -2.32 -29.65
CA ASN C 220 -0.16 -1.04 -29.57
C ASN C 220 -0.43 -0.40 -28.22
N ASP C 221 0.48 0.49 -27.82
CA ASP C 221 0.29 1.30 -26.63
C ASP C 221 1.12 2.57 -26.78
N ILE C 222 0.46 3.72 -26.69
CA ILE C 222 1.10 5.03 -26.71
C ILE C 222 0.91 5.67 -25.35
N ALA C 223 1.97 6.25 -24.79
CA ALA C 223 1.94 6.70 -23.41
C ALA C 223 2.85 7.90 -23.21
N VAL C 224 2.55 8.67 -22.15
CA VAL C 224 3.44 9.68 -21.62
C VAL C 224 3.74 9.30 -20.17
N VAL C 225 5.03 9.26 -19.82
CA VAL C 225 5.46 8.83 -18.50
C VAL C 225 6.22 9.95 -17.81
N TRP C 226 6.17 9.96 -16.47
CA TRP C 226 6.86 10.94 -15.65
C TRP C 226 7.77 10.21 -14.68
N SER C 227 9.05 10.56 -14.69
CA SER C 227 10.00 9.94 -13.78
C SER C 227 9.72 10.37 -12.35
N PRO C 228 10.25 9.64 -11.35
CA PRO C 228 10.04 10.05 -9.95
C PRO C 228 10.50 11.47 -9.67
N THR C 229 11.39 12.01 -10.48
CA THR C 229 11.81 13.40 -10.34
C THR C 229 10.86 14.37 -11.02
N GLY C 230 10.11 13.92 -12.01
CA GLY C 230 9.18 14.75 -12.73
C GLY C 230 9.53 15.04 -14.19
N VAL C 231 10.41 14.27 -14.80
CA VAL C 231 10.81 14.48 -16.19
C VAL C 231 9.88 13.69 -17.12
N PRO C 232 9.27 14.32 -18.12
CA PRO C 232 8.35 13.61 -19.00
C PRO C 232 9.02 13.04 -20.24
N TYR C 233 8.53 11.88 -20.67
CA TYR C 233 8.96 11.23 -21.90
C TYR C 233 7.74 10.72 -22.64
N VAL C 234 7.88 10.54 -23.95
CA VAL C 234 6.84 9.93 -24.77
C VAL C 234 7.37 8.60 -25.29
N VAL C 235 6.57 7.54 -25.15
CA VAL C 235 6.96 6.18 -25.51
C VAL C 235 5.89 5.61 -26.43
N ALA C 236 6.28 5.19 -27.62
CA ALA C 236 5.39 4.56 -28.58
C ALA C 236 5.87 3.13 -28.84
N VAL C 237 5.05 2.16 -28.48
CA VAL C 237 5.36 0.74 -28.67
C VAL C 237 4.22 0.10 -29.45
N MET C 238 4.53 -0.45 -30.61
CA MET C 238 3.53 -1.11 -31.45
C MET C 238 4.09 -2.44 -31.95
N SER C 239 3.20 -3.40 -32.19
CA SER C 239 3.61 -4.73 -32.58
C SER C 239 2.48 -5.45 -33.31
N ASP C 240 2.87 -6.36 -34.21
CA ASP C 240 1.92 -7.24 -34.88
C ASP C 240 2.54 -8.62 -35.03
N ARG C 241 1.76 -9.57 -35.56
CA ARG C 241 2.19 -10.95 -35.80
C ARG C 241 1.55 -11.45 -37.10
N ALA C 242 2.02 -10.92 -38.23
CA ALA C 242 1.41 -11.26 -39.51
C ALA C 242 1.69 -12.70 -39.91
N GLY C 243 2.83 -13.26 -39.48
CA GLY C 243 3.18 -14.61 -39.87
C GLY C 243 2.18 -15.66 -39.42
N GLY C 244 1.57 -15.45 -38.26
CA GLY C 244 0.58 -16.38 -37.75
C GLY C 244 -0.79 -16.28 -38.38
N GLY C 245 -1.00 -15.30 -39.26
CA GLY C 245 -2.25 -15.17 -39.97
C GLY C 245 -3.19 -14.15 -39.36
N TYR C 246 -4.42 -14.15 -39.88
CA TYR C 246 -5.45 -13.25 -39.42
C TYR C 246 -5.84 -13.52 -37.97
N ASP C 247 -5.74 -14.76 -37.51
CA ASP C 247 -6.20 -15.17 -36.20
C ASP C 247 -5.07 -15.21 -35.16
N ALA C 248 -3.93 -14.60 -35.46
CA ALA C 248 -2.81 -14.61 -34.52
C ALA C 248 -3.18 -13.83 -33.27
N GLU C 249 -2.95 -14.45 -32.11
CA GLU C 249 -3.28 -13.79 -30.85
C GLU C 249 -2.22 -12.75 -30.51
N PRO C 250 -2.63 -11.57 -30.06
CA PRO C 250 -1.65 -10.57 -29.62
C PRO C 250 -1.08 -10.89 -28.26
N ARG C 251 0.17 -10.51 -28.06
CA ARG C 251 0.88 -10.79 -26.82
C ARG C 251 1.12 -9.47 -26.09
N GLU C 252 0.40 -9.28 -24.98
CA GLU C 252 0.59 -8.07 -24.18
C GLU C 252 1.93 -8.09 -23.45
N ALA C 253 2.49 -9.28 -23.20
CA ALA C 253 3.76 -9.36 -22.51
C ALA C 253 4.90 -8.75 -23.32
N LEU C 254 4.78 -8.77 -24.65
CA LEU C 254 5.81 -8.16 -25.48
C LEU C 254 5.86 -6.65 -25.26
N LEU C 255 4.70 -6.01 -25.11
CA LEU C 255 4.67 -4.57 -24.89
C LEU C 255 5.19 -4.21 -23.50
N ALA C 256 4.89 -5.04 -22.51
CA ALA C 256 5.39 -4.79 -21.16
C ALA C 256 6.90 -4.99 -21.08
N GLU C 257 7.42 -5.99 -21.79
CA GLU C 257 8.85 -6.25 -21.77
C GLU C 257 9.62 -5.11 -22.45
N ALA C 258 9.20 -4.72 -23.66
CA ALA C 258 9.88 -3.65 -24.38
C ALA C 258 9.85 -2.34 -23.61
N ALA C 259 8.82 -2.14 -22.76
CA ALA C 259 8.77 -0.93 -21.95
C ALA C 259 9.76 -0.98 -20.79
N THR C 260 10.03 -2.18 -20.26
CA THR C 260 11.04 -2.31 -19.20
C THR C 260 12.44 -2.05 -19.75
N CYS C 261 12.70 -2.43 -21.01
CA CYS C 261 13.98 -2.09 -21.63
C CYS C 261 14.11 -0.59 -21.85
N VAL C 262 12.99 0.12 -21.99
CA VAL C 262 13.02 1.57 -22.17
C VAL C 262 13.31 2.27 -20.86
N ALA C 263 12.78 1.78 -19.75
CA ALA C 263 13.06 2.41 -18.47
C ALA C 263 14.52 2.23 -18.06
N GLY C 264 15.14 1.12 -18.45
CA GLY C 264 16.52 0.89 -18.10
C GLY C 264 17.50 1.86 -18.72
N VAL C 265 17.16 2.39 -19.91
CA VAL C 265 18.04 3.37 -20.54
C VAL C 265 17.74 4.79 -20.09
N LEU C 266 16.54 5.05 -19.57
CA LEU C 266 16.15 6.38 -19.11
C LEU C 266 16.48 6.61 -17.64
N ALA C 267 16.80 5.57 -16.88
CA ALA C 267 17.11 5.72 -15.47
C ALA C 267 18.47 6.38 -15.29
N ASP D 3 -26.34 2.85 23.25
CA ASP D 3 -27.32 2.90 22.16
C ASP D 3 -26.65 3.17 20.82
N LEU D 4 -26.36 2.10 20.08
CA LEU D 4 -25.73 2.24 18.78
C LEU D 4 -26.68 2.81 17.74
N ALA D 5 -28.00 2.64 17.92
CA ALA D 5 -28.96 3.13 16.94
C ALA D 5 -29.00 4.65 16.90
N ASP D 6 -28.66 5.33 18.00
CA ASP D 6 -28.66 6.78 17.98
C ASP D 6 -27.53 7.32 17.11
N ARG D 7 -26.43 6.58 17.00
CA ARG D 7 -25.33 6.99 16.14
C ARG D 7 -25.64 6.71 14.67
N PHE D 8 -26.15 5.53 14.38
CA PHE D 8 -26.56 5.20 13.01
C PHE D 8 -27.56 6.23 12.47
N ALA D 9 -28.53 6.62 13.30
CA ALA D 9 -29.53 7.60 12.88
C ALA D 9 -28.89 8.94 12.56
N GLU D 10 -27.88 9.33 13.34
CA GLU D 10 -27.21 10.59 13.06
C GLU D 10 -26.37 10.53 11.79
N LEU D 11 -25.83 9.35 11.47
CA LEU D 11 -25.13 9.19 10.19
C LEU D 11 -26.10 9.35 9.02
N GLU D 12 -27.31 8.80 9.15
CA GLU D 12 -28.31 8.95 8.11
C GLU D 12 -28.59 10.43 7.82
N ARG D 13 -28.71 11.24 8.88
CA ARG D 13 -29.02 12.65 8.68
C ARG D 13 -27.83 13.41 8.09
N ARG D 14 -26.61 13.02 8.46
CA ARG D 14 -25.42 13.71 7.96
C ARG D 14 -25.20 13.45 6.47
N TYR D 15 -25.50 12.24 6.00
CA TYR D 15 -25.22 11.85 4.62
C TYR D 15 -26.44 11.84 3.71
N ASP D 16 -27.62 12.18 4.23
CA ASP D 16 -28.87 12.13 3.46
C ASP D 16 -29.06 10.77 2.79
N ALA D 17 -29.08 9.72 3.62
CA ALA D 17 -29.10 8.37 3.09
C ALA D 17 -29.84 7.46 4.07
N ARG D 18 -30.14 6.26 3.59
CA ARG D 18 -30.71 5.19 4.40
C ARG D 18 -29.64 4.14 4.65
N LEU D 19 -29.41 3.82 5.92
CA LEU D 19 -28.33 2.91 6.30
C LEU D 19 -28.91 1.62 6.86
N GLY D 20 -28.36 0.48 6.42
CA GLY D 20 -28.73 -0.81 6.94
C GLY D 20 -27.51 -1.61 7.37
N VAL D 21 -27.50 -2.07 8.62
CA VAL D 21 -26.35 -2.77 9.19
C VAL D 21 -26.86 -4.02 9.91
N TYR D 22 -26.15 -5.13 9.73
CA TYR D 22 -26.44 -6.34 10.49
C TYR D 22 -25.15 -7.11 10.75
N VAL D 23 -24.91 -7.43 12.02
CA VAL D 23 -23.82 -8.31 12.41
C VAL D 23 -24.41 -9.51 13.14
N PRO D 24 -24.33 -10.72 12.58
CA PRO D 24 -24.87 -11.89 13.26
C PRO D 24 -24.24 -12.08 14.64
N ALA D 25 -25.05 -12.58 15.57
CA ALA D 25 -24.58 -12.76 16.94
C ALA D 25 -23.61 -13.92 17.03
N THR D 26 -22.70 -13.84 17.99
CA THR D 26 -21.72 -14.87 18.26
C THR D 26 -21.88 -15.38 19.70
N GLY D 27 -20.95 -16.21 20.13
CA GLY D 27 -21.01 -16.77 21.47
C GLY D 27 -20.73 -15.78 22.58
N THR D 28 -20.34 -14.55 22.25
CA THR D 28 -20.02 -13.55 23.27
C THR D 28 -20.62 -12.18 22.99
N THR D 29 -21.21 -11.96 21.81
CA THR D 29 -21.75 -10.65 21.46
C THR D 29 -23.19 -10.80 21.00
N ALA D 30 -23.98 -9.74 21.24
CA ALA D 30 -25.35 -9.70 20.78
C ALA D 30 -25.42 -9.22 19.33
N ALA D 31 -26.52 -9.55 18.67
CA ALA D 31 -26.67 -9.22 17.26
C ALA D 31 -26.87 -7.71 17.10
N ILE D 32 -26.09 -7.11 16.21
CA ILE D 32 -26.23 -5.70 15.87
C ILE D 32 -27.23 -5.58 14.72
N GLU D 33 -28.26 -4.77 14.91
CA GLU D 33 -29.32 -4.60 13.93
C GLU D 33 -29.63 -3.12 13.76
N TYR D 34 -29.81 -2.71 12.50
CA TYR D 34 -30.31 -1.38 12.17
C TYR D 34 -30.87 -1.46 10.76
N ARG D 35 -32.19 -1.38 10.64
CA ARG D 35 -32.89 -1.59 9.37
C ARG D 35 -32.50 -2.93 8.76
N ALA D 36 -32.16 -3.89 9.62
CA ALA D 36 -31.65 -5.17 9.15
C ALA D 36 -32.68 -5.98 8.37
N ASP D 37 -33.96 -5.68 8.52
CA ASP D 37 -35.04 -6.38 7.84
C ASP D 37 -35.70 -5.54 6.75
N GLU D 38 -35.02 -4.49 6.29
CA GLU D 38 -35.51 -3.68 5.19
C GLU D 38 -34.78 -4.05 3.89
N ARG D 39 -35.45 -3.84 2.77
CA ARG D 39 -34.95 -4.27 1.48
C ARG D 39 -34.00 -3.25 0.88
N PHE D 40 -32.81 -3.70 0.50
CA PHE D 40 -31.84 -2.91 -0.25
C PHE D 40 -31.48 -3.64 -1.53
N ALA D 41 -31.01 -2.88 -2.52
CA ALA D 41 -30.73 -3.47 -3.82
C ALA D 41 -29.45 -4.29 -3.79
N PHE D 42 -29.46 -5.38 -4.56
CA PHE D 42 -28.30 -6.29 -4.62
C PHE D 42 -27.05 -5.55 -5.09
N CYS D 43 -27.08 -5.06 -6.33
CA CYS D 43 -25.90 -4.57 -7.06
C CYS D 43 -24.94 -5.75 -7.21
N SER D 44 -23.64 -5.48 -7.29
CA SER D 44 -22.66 -6.54 -7.57
C SER D 44 -22.35 -7.42 -6.37
N THR D 45 -23.07 -7.27 -5.25
CA THR D 45 -22.81 -8.13 -4.11
C THR D 45 -23.14 -9.59 -4.42
N PHE D 46 -24.09 -9.81 -5.35
CA PHE D 46 -24.52 -11.16 -5.70
C PHE D 46 -23.44 -11.96 -6.42
N LYS D 47 -22.35 -11.33 -6.85
CA LYS D 47 -21.30 -12.04 -7.57
C LYS D 47 -20.54 -13.02 -6.67
N ALA D 48 -20.56 -12.80 -5.35
CA ALA D 48 -19.87 -13.71 -4.44
C ALA D 48 -20.68 -15.00 -4.25
N PRO D 49 -21.98 -14.95 -3.93
CA PRO D 49 -22.75 -16.20 -3.91
C PRO D 49 -22.96 -16.82 -5.28
N LEU D 50 -22.81 -16.04 -6.36
CA LEU D 50 -22.91 -16.61 -7.70
C LEU D 50 -21.72 -17.53 -7.99
N VAL D 51 -20.51 -17.08 -7.63
CA VAL D 51 -19.33 -17.92 -7.82
C VAL D 51 -19.46 -19.20 -7.00
N ALA D 52 -20.04 -19.11 -5.81
CA ALA D 52 -20.24 -20.29 -4.98
C ALA D 52 -21.25 -21.24 -5.58
N ALA D 53 -22.23 -20.72 -6.33
CA ALA D 53 -23.22 -21.59 -6.96
C ALA D 53 -22.59 -22.43 -8.07
N VAL D 54 -21.72 -21.81 -8.88
CA VAL D 54 -21.03 -22.55 -9.93
C VAL D 54 -20.09 -23.58 -9.31
N LEU D 55 -19.36 -23.20 -8.26
CA LEU D 55 -18.49 -24.16 -7.58
C LEU D 55 -19.28 -25.31 -6.98
N HIS D 56 -20.54 -25.06 -6.59
CA HIS D 56 -21.33 -26.08 -5.89
C HIS D 56 -21.77 -27.20 -6.82
N GLN D 57 -22.03 -26.89 -8.10
CA GLN D 57 -22.64 -27.85 -9.01
C GLN D 57 -21.68 -28.49 -10.00
N ASN D 58 -20.38 -28.21 -9.90
CA ASN D 58 -19.42 -28.74 -10.86
C ASN D 58 -18.13 -29.13 -10.14
N PRO D 59 -17.46 -30.18 -10.61
CA PRO D 59 -16.16 -30.55 -10.03
C PRO D 59 -15.09 -29.54 -10.39
N LEU D 60 -13.97 -29.60 -9.66
CA LEU D 60 -12.92 -28.61 -9.80
C LEU D 60 -12.31 -28.56 -11.18
N THR D 61 -12.39 -29.66 -11.94
CA THR D 61 -11.85 -29.65 -13.30
C THR D 61 -12.72 -28.86 -14.27
N HIS D 62 -13.97 -28.55 -13.88
CA HIS D 62 -14.83 -27.71 -14.72
C HIS D 62 -14.30 -26.29 -14.85
N LEU D 63 -13.40 -25.86 -13.96
CA LEU D 63 -12.84 -24.52 -14.00
C LEU D 63 -11.92 -24.30 -15.20
N ASP D 64 -11.51 -25.35 -15.89
CA ASP D 64 -10.62 -25.25 -17.04
C ASP D 64 -11.36 -25.15 -18.37
N LYS D 65 -12.68 -25.25 -18.35
CA LYS D 65 -13.45 -25.17 -19.59
C LYS D 65 -13.36 -23.76 -20.17
N LEU D 66 -12.92 -23.66 -21.42
CA LEU D 66 -12.71 -22.37 -22.06
C LEU D 66 -14.01 -21.90 -22.70
N ILE D 67 -14.39 -20.65 -22.41
CA ILE D 67 -15.61 -20.04 -22.93
C ILE D 67 -15.20 -18.97 -23.93
N THR D 68 -15.84 -18.98 -25.10
CA THR D 68 -15.64 -17.96 -26.11
C THR D 68 -16.89 -17.09 -26.21
N TYR D 69 -16.68 -15.82 -26.53
CA TYR D 69 -17.76 -14.85 -26.63
C TYR D 69 -17.42 -13.85 -27.72
N THR D 70 -18.41 -13.04 -28.07
CA THR D 70 -18.27 -12.04 -29.13
C THR D 70 -18.28 -10.64 -28.53
N SER D 71 -17.95 -9.66 -29.37
CA SER D 71 -17.98 -8.27 -28.93
C SER D 71 -19.40 -7.82 -28.60
N ASP D 72 -20.41 -8.49 -29.16
CA ASP D 72 -21.80 -8.16 -28.84
C ASP D 72 -22.20 -8.61 -27.44
N ASP D 73 -21.40 -9.46 -26.79
CA ASP D 73 -21.72 -9.93 -25.45
C ASP D 73 -21.27 -8.95 -24.37
N ILE D 74 -20.36 -8.03 -24.70
CA ILE D 74 -19.90 -7.04 -23.74
C ILE D 74 -20.92 -5.90 -23.72
N ARG D 75 -21.74 -5.85 -22.65
CA ARG D 75 -22.77 -4.83 -22.52
C ARG D 75 -22.68 -4.08 -21.21
N SER D 76 -21.53 -4.16 -20.53
CA SER D 76 -21.33 -3.45 -19.26
C SER D 76 -19.84 -3.28 -19.03
N ILE D 77 -19.50 -2.68 -17.90
CA ILE D 77 -18.10 -2.49 -17.53
C ILE D 77 -17.46 -3.84 -17.29
N SER D 78 -16.42 -4.15 -18.07
CA SER D 78 -15.77 -5.46 -18.04
C SER D 78 -14.28 -5.27 -18.26
N PRO D 79 -13.54 -4.95 -17.20
CA PRO D 79 -12.11 -4.63 -17.39
C PRO D 79 -11.27 -5.81 -17.86
N VAL D 80 -11.64 -7.04 -17.50
CA VAL D 80 -10.86 -8.21 -17.86
C VAL D 80 -11.39 -8.87 -19.14
N ALA D 81 -12.72 -8.98 -19.26
CA ALA D 81 -13.30 -9.66 -20.42
C ALA D 81 -13.13 -8.85 -21.70
N GLN D 82 -12.97 -7.53 -21.60
CA GLN D 82 -12.80 -6.72 -22.80
C GLN D 82 -11.47 -7.00 -23.51
N GLN D 83 -10.49 -7.56 -22.81
CA GLN D 83 -9.18 -7.79 -23.39
C GLN D 83 -8.97 -9.20 -23.92
N HIS D 84 -9.91 -10.12 -23.69
CA HIS D 84 -9.74 -11.51 -24.08
C HIS D 84 -10.84 -11.97 -25.02
N VAL D 85 -11.44 -11.05 -25.78
CA VAL D 85 -12.50 -11.42 -26.70
C VAL D 85 -11.93 -12.21 -27.87
N GLN D 86 -10.63 -12.05 -28.15
CA GLN D 86 -9.95 -12.78 -29.21
C GLN D 86 -9.33 -14.08 -28.69
N THR D 87 -8.78 -14.07 -27.48
CA THR D 87 -8.10 -15.24 -26.93
C THR D 87 -9.07 -16.19 -26.23
N GLY D 88 -10.11 -15.66 -25.58
CA GLY D 88 -11.03 -16.45 -24.79
C GLY D 88 -10.59 -16.59 -23.34
N MET D 89 -11.52 -17.04 -22.51
CA MET D 89 -11.29 -17.17 -21.08
C MET D 89 -11.92 -18.45 -20.54
N THR D 90 -11.20 -19.11 -19.64
CA THR D 90 -11.75 -20.28 -18.97
C THR D 90 -12.71 -19.87 -17.87
N ILE D 91 -13.50 -20.83 -17.41
CA ILE D 91 -14.45 -20.57 -16.33
C ILE D 91 -13.73 -20.09 -15.09
N GLY D 92 -12.54 -20.64 -14.82
CA GLY D 92 -11.78 -20.23 -13.65
C GLY D 92 -11.40 -18.76 -13.69
N GLN D 93 -10.95 -18.27 -14.85
CA GLN D 93 -10.63 -16.86 -14.99
C GLN D 93 -11.88 -15.99 -14.94
N LEU D 94 -13.03 -16.53 -15.34
CA LEU D 94 -14.27 -15.77 -15.24
C LEU D 94 -14.65 -15.54 -13.79
N CYS D 95 -14.40 -16.53 -12.92
CA CYS D 95 -14.64 -16.35 -11.49
C CYS D 95 -13.70 -15.30 -10.90
N ASP D 96 -12.41 -15.40 -11.22
CA ASP D 96 -11.44 -14.42 -10.73
C ASP D 96 -11.81 -13.01 -11.17
N ALA D 97 -12.26 -12.86 -12.42
CA ALA D 97 -12.62 -11.54 -12.92
C ALA D 97 -13.92 -11.04 -12.29
N ALA D 98 -14.86 -11.95 -12.03
CA ALA D 98 -16.17 -11.53 -11.53
C ALA D 98 -16.10 -10.99 -10.11
N ILE D 99 -15.13 -11.47 -9.32
CA ILE D 99 -15.01 -11.09 -7.91
C ILE D 99 -13.95 -10.02 -7.71
N ARG D 100 -12.75 -10.24 -8.24
CA ARG D 100 -11.63 -9.34 -7.96
C ARG D 100 -11.75 -8.01 -8.69
N TYR D 101 -12.43 -7.99 -9.83
CA TYR D 101 -12.61 -6.77 -10.61
C TYR D 101 -14.08 -6.42 -10.85
N SER D 102 -15.02 -7.17 -10.27
CA SER D 102 -16.45 -6.91 -10.43
C SER D 102 -16.85 -6.87 -11.91
N ASP D 103 -16.23 -7.73 -12.71
CA ASP D 103 -16.50 -7.77 -14.14
C ASP D 103 -17.97 -8.12 -14.38
N GLY D 104 -18.68 -7.23 -15.08
CA GLY D 104 -20.08 -7.47 -15.35
C GLY D 104 -20.35 -8.49 -16.43
N THR D 105 -19.47 -8.54 -17.44
CA THR D 105 -19.65 -9.52 -18.52
C THR D 105 -19.33 -10.93 -18.02
N ALA D 106 -18.29 -11.07 -17.19
CA ALA D 106 -17.98 -12.36 -16.60
C ALA D 106 -19.14 -12.86 -15.74
N ALA D 107 -19.86 -11.95 -15.09
CA ALA D 107 -21.03 -12.35 -14.29
C ALA D 107 -22.12 -12.93 -15.17
N ASN D 108 -22.37 -12.32 -16.33
CA ASN D 108 -23.43 -12.80 -17.21
C ASN D 108 -23.08 -14.16 -17.81
N LEU D 109 -21.81 -14.38 -18.15
CA LEU D 109 -21.41 -15.68 -18.69
C LEU D 109 -21.51 -16.76 -17.62
N LEU D 110 -21.11 -16.45 -16.39
CA LEU D 110 -21.25 -17.41 -15.29
C LEU D 110 -22.72 -17.76 -15.06
N LEU D 111 -23.60 -16.76 -15.14
CA LEU D 111 -25.03 -17.02 -15.00
C LEU D 111 -25.52 -17.95 -16.10
N ALA D 112 -24.99 -17.80 -17.32
CA ALA D 112 -25.36 -18.70 -18.40
C ALA D 112 -24.80 -20.10 -18.20
N ASP D 113 -23.67 -20.22 -17.50
CA ASP D 113 -23.15 -21.54 -17.16
C ASP D 113 -24.07 -22.25 -16.19
N LEU D 114 -24.83 -21.49 -15.40
CA LEU D 114 -25.82 -22.08 -14.51
C LEU D 114 -27.05 -22.58 -15.27
N GLY D 115 -27.30 -22.04 -16.46
CA GLY D 115 -28.41 -22.50 -17.28
C GLY D 115 -29.77 -22.17 -16.67
N GLY D 116 -30.82 -22.56 -17.39
CA GLY D 116 -32.16 -22.37 -16.91
C GLY D 116 -32.83 -21.13 -17.48
N PRO D 117 -34.03 -20.83 -17.01
CA PRO D 117 -34.77 -19.68 -17.53
C PRO D 117 -34.17 -18.36 -17.07
N GLY D 118 -34.39 -17.31 -17.87
CA GLY D 118 -33.93 -15.98 -17.55
C GLY D 118 -32.43 -15.80 -17.58
N GLY D 119 -31.71 -16.62 -18.34
CA GLY D 119 -30.27 -16.51 -18.40
C GLY D 119 -29.52 -16.91 -17.15
N GLY D 120 -30.18 -17.60 -16.22
CA GLY D 120 -29.57 -18.02 -14.98
C GLY D 120 -30.08 -17.33 -13.73
N THR D 121 -30.97 -16.34 -13.87
CA THR D 121 -31.47 -15.65 -12.69
C THR D 121 -32.34 -16.57 -11.84
N ALA D 122 -33.11 -17.45 -12.48
CA ALA D 122 -33.93 -18.40 -11.72
C ALA D 122 -33.07 -19.41 -10.98
N ALA D 123 -32.00 -19.89 -11.60
CA ALA D 123 -31.12 -20.85 -10.94
C ALA D 123 -30.42 -20.22 -9.75
N PHE D 124 -29.98 -18.97 -9.87
CA PHE D 124 -29.30 -18.32 -8.76
C PHE D 124 -30.24 -18.09 -7.59
N THR D 125 -31.42 -17.55 -7.85
CA THR D 125 -32.41 -17.36 -6.78
C THR D 125 -32.77 -18.68 -6.12
N GLY D 126 -32.88 -19.75 -6.90
CA GLY D 126 -33.11 -21.06 -6.31
C GLY D 126 -31.98 -21.50 -5.40
N TYR D 127 -30.74 -21.12 -5.72
CA TYR D 127 -29.60 -21.48 -4.88
C TYR D 127 -29.68 -20.81 -3.52
N LEU D 128 -30.04 -19.53 -3.47
CA LEU D 128 -30.16 -18.84 -2.20
C LEU D 128 -31.25 -19.48 -1.34
N ARG D 129 -32.34 -19.91 -1.96
CA ARG D 129 -33.41 -20.58 -1.20
C ARG D 129 -32.90 -21.84 -0.53
N SER D 130 -32.01 -22.59 -1.21
CA SER D 130 -31.46 -23.80 -0.62
C SER D 130 -30.57 -23.52 0.57
N LEU D 131 -30.05 -22.29 0.69
CA LEU D 131 -29.22 -21.92 1.83
C LEU D 131 -30.03 -21.39 3.01
N GLY D 132 -31.34 -21.16 2.83
CA GLY D 132 -32.18 -20.62 3.87
C GLY D 132 -32.64 -19.19 3.63
N ASP D 133 -32.25 -18.58 2.51
CA ASP D 133 -32.60 -17.20 2.20
C ASP D 133 -33.98 -17.20 1.55
N THR D 134 -34.99 -16.77 2.32
CA THR D 134 -36.37 -16.75 1.84
C THR D 134 -36.86 -15.34 1.50
N VAL D 135 -35.96 -14.38 1.30
CA VAL D 135 -36.38 -13.00 1.04
C VAL D 135 -35.75 -12.47 -0.25
N SER D 136 -34.44 -12.69 -0.41
CA SER D 136 -33.72 -12.13 -1.55
C SER D 136 -34.22 -12.75 -2.85
N ARG D 137 -33.92 -12.06 -3.96
CA ARG D 137 -34.37 -12.48 -5.28
C ARG D 137 -33.55 -11.74 -6.33
N LEU D 138 -33.13 -12.46 -7.36
CA LEU D 138 -32.49 -11.87 -8.53
C LEU D 138 -33.40 -12.03 -9.72
N ASP D 139 -33.61 -10.93 -10.46
CA ASP D 139 -34.56 -10.92 -11.56
C ASP D 139 -33.99 -10.49 -12.91
N ALA D 140 -32.88 -9.75 -12.92
CA ALA D 140 -32.31 -9.27 -14.18
C ALA D 140 -30.83 -9.59 -14.24
N GLU D 141 -30.21 -9.28 -15.37
CA GLU D 141 -28.79 -9.48 -15.60
C GLU D 141 -28.08 -8.12 -15.59
N GLU D 142 -26.77 -8.16 -15.78
CA GLU D 142 -26.02 -6.92 -15.89
C GLU D 142 -26.30 -6.28 -17.24
N PRO D 143 -26.47 -4.95 -17.30
CA PRO D 143 -26.40 -4.04 -16.17
C PRO D 143 -27.77 -3.59 -15.66
N GLU D 144 -28.83 -4.29 -16.04
CA GLU D 144 -30.17 -3.83 -15.70
C GLU D 144 -30.47 -3.97 -14.21
N LEU D 145 -29.84 -4.93 -13.52
CA LEU D 145 -30.17 -5.17 -12.13
C LEU D 145 -29.75 -4.05 -11.19
N ASN D 146 -29.09 -3.00 -11.68
CA ASN D 146 -28.72 -1.86 -10.85
C ASN D 146 -29.67 -0.69 -10.98
N ARG D 147 -30.76 -0.82 -11.75
CA ARG D 147 -31.58 0.32 -12.14
C ARG D 147 -33.02 0.23 -11.64
N ASP D 148 -33.34 -0.74 -10.78
CA ASP D 148 -34.72 -0.86 -10.31
C ASP D 148 -35.12 0.39 -9.55
N PRO D 149 -36.35 0.86 -9.70
CA PRO D 149 -36.77 2.09 -9.03
C PRO D 149 -36.88 1.89 -7.53
N PRO D 150 -36.87 2.97 -6.74
CA PRO D 150 -37.05 2.82 -5.30
C PRO D 150 -38.41 2.22 -4.99
N GLY D 151 -38.44 1.31 -4.01
CA GLY D 151 -39.63 0.59 -3.66
C GLY D 151 -39.84 -0.70 -4.41
N ASP D 152 -39.23 -0.85 -5.58
CA ASP D 152 -39.32 -2.10 -6.31
C ASP D 152 -38.57 -3.20 -5.58
N GLU D 153 -39.18 -4.38 -5.52
CA GLU D 153 -38.63 -5.50 -4.78
C GLU D 153 -37.71 -6.37 -5.64
N ARG D 154 -37.56 -6.07 -6.92
CA ARG D 154 -36.74 -6.88 -7.80
C ARG D 154 -35.26 -6.62 -7.52
N ASP D 155 -34.46 -7.69 -7.58
CA ASP D 155 -33.01 -7.62 -7.38
C ASP D 155 -32.67 -7.02 -6.02
N THR D 156 -33.44 -7.39 -4.99
CA THR D 156 -33.27 -6.86 -3.65
C THR D 156 -32.88 -7.97 -2.67
N THR D 157 -32.24 -7.56 -1.58
CA THR D 157 -31.93 -8.44 -0.45
C THR D 157 -32.11 -7.62 0.82
N THR D 158 -31.72 -8.19 1.96
CA THR D 158 -31.72 -7.47 3.23
C THR D 158 -30.39 -7.71 3.93
N PRO D 159 -29.97 -6.76 4.78
CA PRO D 159 -28.72 -6.99 5.54
C PRO D 159 -28.78 -8.23 6.41
N HIS D 160 -29.96 -8.55 6.95
CA HIS D 160 -30.11 -9.79 7.71
C HIS D 160 -29.85 -11.02 6.85
N ALA D 161 -30.39 -11.04 5.63
CA ALA D 161 -30.33 -12.25 4.80
C ALA D 161 -28.95 -12.43 4.17
N ILE D 162 -28.38 -11.37 3.59
CA ILE D 162 -27.12 -11.51 2.89
C ILE D 162 -25.99 -11.83 3.86
N ALA D 163 -26.07 -11.34 5.10
CA ALA D 163 -25.05 -11.65 6.09
C ALA D 163 -25.06 -13.13 6.45
N LEU D 164 -26.25 -13.72 6.53
CA LEU D 164 -26.36 -15.13 6.89
C LEU D 164 -25.92 -16.04 5.75
N VAL D 165 -26.14 -15.62 4.50
CA VAL D 165 -25.65 -16.38 3.36
C VAL D 165 -24.13 -16.35 3.31
N LEU D 166 -23.54 -15.17 3.54
CA LEU D 166 -22.09 -15.04 3.56
C LEU D 166 -21.48 -15.88 4.66
N GLN D 167 -22.15 -15.96 5.81
CA GLN D 167 -21.62 -16.72 6.94
C GLN D 167 -21.46 -18.20 6.60
N GLN D 168 -22.45 -18.77 5.89
CA GLN D 168 -22.37 -20.18 5.53
C GLN D 168 -21.31 -20.45 4.47
N LEU D 169 -21.05 -19.49 3.58
CA LEU D 169 -20.16 -19.73 2.46
C LEU D 169 -18.69 -19.66 2.85
N VAL D 170 -18.35 -18.88 3.87
CA VAL D 170 -16.97 -18.68 4.27
C VAL D 170 -16.66 -19.35 5.61
N LEU D 171 -17.55 -19.22 6.59
CA LEU D 171 -17.35 -19.81 7.90
C LEU D 171 -18.11 -21.12 8.10
N GLY D 172 -19.09 -21.42 7.26
CA GLY D 172 -19.93 -22.59 7.42
C GLY D 172 -19.51 -23.74 6.53
N ASN D 173 -20.46 -24.63 6.27
CA ASN D 173 -20.21 -25.87 5.55
C ASN D 173 -21.01 -25.93 4.24
N ALA D 174 -21.31 -24.76 3.66
CA ALA D 174 -22.01 -24.74 2.39
C ALA D 174 -21.14 -25.23 1.25
N LEU D 175 -19.82 -25.21 1.41
CA LEU D 175 -18.88 -25.62 0.38
C LEU D 175 -17.84 -26.56 0.97
N PRO D 176 -17.35 -27.51 0.19
CA PRO D 176 -16.23 -28.35 0.64
C PRO D 176 -14.99 -27.50 0.85
N PRO D 177 -14.02 -28.00 1.62
CA PRO D 177 -12.85 -27.14 1.97
C PRO D 177 -12.07 -26.66 0.75
N ASP D 178 -11.82 -27.53 -0.24
CA ASP D 178 -11.00 -27.12 -1.37
C ASP D 178 -11.68 -26.05 -2.22
N LYS D 179 -13.00 -26.15 -2.39
CA LYS D 179 -13.71 -25.12 -3.15
C LYS D 179 -13.90 -23.84 -2.35
N ARG D 180 -14.22 -23.97 -1.06
CA ARG D 180 -14.34 -22.80 -0.20
C ARG D 180 -13.03 -22.03 -0.10
N ALA D 181 -11.89 -22.71 -0.26
CA ALA D 181 -10.61 -22.02 -0.22
C ALA D 181 -10.42 -21.12 -1.44
N LEU D 182 -10.98 -21.52 -2.59
CA LEU D 182 -10.86 -20.69 -3.79
C LEU D 182 -11.72 -19.45 -3.69
N LEU D 183 -12.91 -19.56 -3.09
CA LEU D 183 -13.77 -18.40 -2.91
C LEU D 183 -13.16 -17.39 -1.96
N THR D 184 -12.57 -17.88 -0.85
CA THR D 184 -11.97 -16.97 0.13
C THR D 184 -10.75 -16.25 -0.45
N ASP D 185 -9.95 -16.94 -1.25
CA ASP D 185 -8.74 -16.31 -1.79
C ASP D 185 -9.08 -15.21 -2.78
N TRP D 186 -10.14 -15.40 -3.58
CA TRP D 186 -10.57 -14.36 -4.51
C TRP D 186 -11.08 -13.13 -3.77
N MET D 187 -11.93 -13.34 -2.76
CA MET D 187 -12.41 -12.23 -1.95
C MET D 187 -11.27 -11.58 -1.15
N ALA D 188 -10.23 -12.35 -0.83
CA ALA D 188 -9.11 -11.80 -0.06
C ALA D 188 -8.25 -10.88 -0.92
N ARG D 189 -8.24 -11.08 -2.23
CA ARG D 189 -7.47 -10.23 -3.14
C ARG D 189 -8.37 -9.30 -3.95
N ASN D 190 -9.52 -8.93 -3.39
CA ASN D 190 -10.38 -7.93 -4.01
C ASN D 190 -9.61 -6.61 -4.15
N THR D 191 -9.91 -5.90 -5.23
CA THR D 191 -9.23 -4.64 -5.53
C THR D 191 -10.16 -3.43 -5.49
N THR D 192 -11.44 -3.61 -5.16
CA THR D 192 -12.42 -2.54 -5.26
C THR D 192 -13.02 -2.13 -3.93
N GLY D 193 -12.58 -2.69 -2.81
CA GLY D 193 -13.18 -2.38 -1.53
C GLY D 193 -12.26 -1.70 -0.54
N ALA D 194 -11.25 -0.99 -1.05
CA ALA D 194 -10.23 -0.42 -0.17
C ALA D 194 -10.72 0.78 0.63
N LYS D 195 -11.85 1.37 0.26
CA LYS D 195 -12.31 2.60 0.90
C LYS D 195 -13.64 2.42 1.64
N ARG D 196 -14.05 1.18 1.89
CA ARG D 196 -15.33 0.95 2.55
C ARG D 196 -15.11 0.24 3.89
N ILE D 197 -15.56 -1.01 4.02
CA ILE D 197 -15.45 -1.72 5.30
C ILE D 197 -14.00 -1.86 5.70
N ARG D 198 -13.12 -2.12 4.72
CA ARG D 198 -11.69 -2.26 5.02
C ARG D 198 -11.12 -0.98 5.63
N ALA D 199 -11.62 0.19 5.21
CA ALA D 199 -11.12 1.45 5.71
C ALA D 199 -11.66 1.82 7.09
N GLY D 200 -12.71 1.13 7.56
CA GLY D 200 -13.28 1.45 8.85
C GLY D 200 -12.72 0.65 10.00
N PHE D 201 -12.00 -0.41 9.73
CA PHE D 201 -11.39 -1.30 10.70
C PHE D 201 -9.89 -1.03 10.80
N PRO D 202 -9.30 -1.25 11.98
CA PRO D 202 -7.84 -1.09 12.12
C PRO D 202 -7.10 -2.05 11.20
N ALA D 203 -5.82 -1.73 10.94
CA ALA D 203 -5.06 -2.45 9.93
C ALA D 203 -4.73 -3.87 10.36
N ASP D 204 -4.68 -4.14 11.67
CA ASP D 204 -4.40 -5.50 12.14
C ASP D 204 -5.63 -6.40 12.08
N TRP D 205 -6.76 -5.89 11.63
CA TRP D 205 -7.92 -6.74 11.36
C TRP D 205 -7.87 -7.18 9.90
N LYS D 206 -7.98 -8.49 9.68
CA LYS D 206 -8.03 -9.02 8.33
C LYS D 206 -9.44 -8.87 7.77
N VAL D 207 -9.52 -8.49 6.50
CA VAL D 207 -10.80 -8.17 5.86
C VAL D 207 -10.83 -8.82 4.48
N ILE D 208 -11.89 -9.57 4.21
CA ILE D 208 -12.23 -10.02 2.86
C ILE D 208 -13.63 -9.52 2.55
N ASP D 209 -13.86 -9.09 1.30
CA ASP D 209 -15.11 -8.39 1.03
C ASP D 209 -15.44 -8.45 -0.45
N LYS D 210 -16.70 -8.12 -0.76
CA LYS D 210 -17.18 -7.94 -2.13
C LYS D 210 -18.13 -6.76 -2.13
N THR D 211 -17.85 -5.76 -2.96
CA THR D 211 -18.60 -4.52 -2.93
C THR D 211 -19.75 -4.54 -3.94
N GLY D 212 -20.63 -3.54 -3.82
CA GLY D 212 -21.69 -3.31 -4.77
C GLY D 212 -21.99 -1.83 -4.90
N THR D 213 -22.23 -1.37 -6.13
CA THR D 213 -22.51 0.04 -6.36
C THR D 213 -23.47 0.17 -7.53
N GLY D 214 -24.40 1.14 -7.43
CA GLY D 214 -25.35 1.35 -8.48
C GLY D 214 -25.91 2.77 -8.52
N ASP D 215 -27.03 2.95 -9.20
CA ASP D 215 -27.66 4.26 -9.27
C ASP D 215 -28.43 4.51 -7.97
N TYR D 216 -29.04 5.70 -7.89
CA TYR D 216 -29.75 6.13 -6.69
C TYR D 216 -28.83 6.17 -5.47
N GLY D 217 -27.55 6.46 -5.69
CA GLY D 217 -26.60 6.55 -4.59
C GLY D 217 -26.44 5.26 -3.80
N ARG D 218 -26.54 4.12 -4.45
CA ARG D 218 -26.44 2.83 -3.78
C ARG D 218 -24.98 2.42 -3.62
N ALA D 219 -24.60 2.04 -2.41
CA ALA D 219 -23.25 1.56 -2.14
C ALA D 219 -23.31 0.53 -1.03
N ASN D 220 -22.89 -0.71 -1.34
CA ASN D 220 -22.94 -1.81 -0.40
C ASN D 220 -21.54 -2.41 -0.23
N ASP D 221 -21.35 -3.09 0.89
CA ASP D 221 -20.14 -3.86 1.13
C ASP D 221 -20.45 -4.99 2.10
N ILE D 222 -20.19 -6.22 1.69
CA ILE D 222 -20.34 -7.39 2.55
C ILE D 222 -18.94 -7.94 2.82
N ALA D 223 -18.68 -8.31 4.07
CA ALA D 223 -17.32 -8.65 4.46
C ALA D 223 -17.35 -9.67 5.60
N VAL D 224 -16.24 -10.38 5.73
CA VAL D 224 -15.91 -11.18 6.91
C VAL D 224 -14.62 -10.60 7.47
N VAL D 225 -14.62 -10.31 8.78
CA VAL D 225 -13.47 -9.68 9.41
C VAL D 225 -12.93 -10.61 10.50
N TRP D 226 -11.63 -10.49 10.74
CA TRP D 226 -10.92 -11.28 11.75
C TRP D 226 -10.23 -10.33 12.71
N SER D 227 -10.51 -10.48 14.00
CA SER D 227 -9.88 -9.64 15.01
C SER D 227 -8.39 -9.99 15.13
N PRO D 228 -7.59 -9.11 15.74
CA PRO D 228 -6.17 -9.43 15.93
C PRO D 228 -5.93 -10.72 16.68
N THR D 229 -6.90 -11.20 17.48
CA THR D 229 -6.77 -12.47 18.17
C THR D 229 -7.16 -13.65 17.28
N GLY D 230 -7.98 -13.41 16.27
CA GLY D 230 -8.43 -14.44 15.35
C GLY D 230 -9.91 -14.81 15.42
N VAL D 231 -10.75 -13.98 16.02
CA VAL D 231 -12.18 -14.26 16.12
C VAL D 231 -12.89 -13.68 14.91
N PRO D 232 -13.66 -14.48 14.16
CA PRO D 232 -14.30 -13.98 12.95
C PRO D 232 -15.70 -13.43 13.18
N TYR D 233 -16.02 -12.40 12.39
CA TYR D 233 -17.34 -11.80 12.38
C TYR D 233 -17.75 -11.56 10.93
N VAL D 234 -19.06 -11.48 10.70
CA VAL D 234 -19.63 -11.14 9.40
C VAL D 234 -20.30 -9.78 9.53
N VAL D 235 -20.02 -8.89 8.58
CA VAL D 235 -20.52 -7.51 8.61
C VAL D 235 -21.19 -7.21 7.28
N ALA D 236 -22.47 -6.86 7.31
CA ALA D 236 -23.23 -6.47 6.14
C ALA D 236 -23.65 -5.01 6.29
N VAL D 237 -23.17 -4.15 5.40
CA VAL D 237 -23.50 -2.73 5.40
C VAL D 237 -24.03 -2.35 4.02
N MET D 238 -25.26 -1.84 3.97
CA MET D 238 -25.91 -1.45 2.72
C MET D 238 -26.52 -0.07 2.88
N SER D 239 -26.57 0.68 1.77
CA SER D 239 -27.07 2.06 1.83
C SER D 239 -27.51 2.51 0.44
N ASP D 240 -28.49 3.42 0.42
CA ASP D 240 -28.83 4.14 -0.80
C ASP D 240 -29.29 5.56 -0.42
N ARG D 241 -29.46 6.39 -1.44
CA ARG D 241 -29.93 7.76 -1.29
C ARG D 241 -31.06 8.00 -2.29
N ALA D 242 -32.12 7.19 -2.19
CA ALA D 242 -33.15 7.14 -3.23
C ALA D 242 -33.86 8.47 -3.41
N GLY D 243 -33.95 9.28 -2.35
CA GLY D 243 -34.64 10.56 -2.47
C GLY D 243 -33.95 11.52 -3.43
N GLY D 244 -32.62 11.45 -3.50
CA GLY D 244 -31.87 12.31 -4.39
C GLY D 244 -32.12 12.06 -5.86
N GLY D 245 -32.62 10.89 -6.21
CA GLY D 245 -32.97 10.56 -7.58
C GLY D 245 -32.02 9.55 -8.20
N TYR D 246 -32.19 9.37 -9.51
CA TYR D 246 -31.44 8.36 -10.24
C TYR D 246 -29.95 8.69 -10.30
N ASP D 247 -29.59 9.97 -10.41
CA ASP D 247 -28.21 10.39 -10.55
C ASP D 247 -27.57 10.78 -9.22
N ALA D 248 -28.16 10.38 -8.10
CA ALA D 248 -27.57 10.66 -6.80
C ALA D 248 -26.25 9.91 -6.65
N GLU D 249 -25.25 10.59 -6.10
CA GLU D 249 -23.95 9.92 -6.05
C GLU D 249 -23.81 9.15 -4.74
N PRO D 250 -23.25 7.95 -4.79
CA PRO D 250 -23.04 7.16 -3.56
C PRO D 250 -21.97 7.79 -2.69
N ARG D 251 -21.99 7.41 -1.42
CA ARG D 251 -21.06 7.92 -0.42
C ARG D 251 -20.32 6.75 0.23
N GLU D 252 -19.04 6.59 -0.11
CA GLU D 252 -18.25 5.50 0.47
C GLU D 252 -17.83 5.82 1.90
N ALA D 253 -17.72 7.10 2.26
CA ALA D 253 -17.38 7.46 3.63
C ALA D 253 -18.46 7.04 4.60
N LEU D 254 -19.72 6.96 4.15
CA LEU D 254 -20.80 6.51 5.01
C LEU D 254 -20.59 5.06 5.43
N LEU D 255 -20.13 4.21 4.50
CA LEU D 255 -19.86 2.82 4.82
C LEU D 255 -18.63 2.67 5.70
N ALA D 256 -17.63 3.53 5.50
CA ALA D 256 -16.43 3.46 6.33
C ALA D 256 -16.71 3.92 7.75
N GLU D 257 -17.54 4.96 7.91
CA GLU D 257 -17.87 5.46 9.24
C GLU D 257 -18.72 4.45 10.02
N ALA D 258 -19.73 3.86 9.37
CA ALA D 258 -20.52 2.84 10.04
C ALA D 258 -19.65 1.65 10.44
N ALA D 259 -18.63 1.34 9.64
CA ALA D 259 -17.73 0.25 9.99
C ALA D 259 -16.96 0.54 11.27
N THR D 260 -16.50 1.78 11.44
CA THR D 260 -15.81 2.15 12.67
C THR D 260 -16.73 2.05 13.87
N CYS D 261 -18.01 2.40 13.69
CA CYS D 261 -18.98 2.25 14.77
C CYS D 261 -19.15 0.78 15.15
N VAL D 262 -19.13 -0.11 14.16
CA VAL D 262 -19.25 -1.54 14.43
C VAL D 262 -18.01 -2.06 15.12
N ALA D 263 -16.82 -1.59 14.70
CA ALA D 263 -15.57 -2.08 15.28
C ALA D 263 -15.48 -1.75 16.77
N GLY D 264 -15.96 -0.57 17.17
CA GLY D 264 -15.94 -0.21 18.58
C GLY D 264 -16.77 -1.12 19.46
N VAL D 265 -17.77 -1.79 18.90
CA VAL D 265 -18.59 -2.70 19.68
C VAL D 265 -17.98 -4.10 19.75
N LEU D 266 -17.29 -4.54 18.70
CA LEU D 266 -16.70 -5.88 18.68
C LEU D 266 -15.36 -5.95 19.39
N ALA D 267 -14.70 -4.83 19.64
CA ALA D 267 -13.38 -4.85 20.29
C ALA D 267 -13.51 -5.24 21.75
P PO4 E . 8.29 3.33 26.36
O1 PO4 E . 6.84 3.10 26.03
O2 PO4 E . 8.91 2.03 26.80
O3 PO4 E . 8.38 4.34 27.49
O4 PO4 E . 9.02 3.82 25.13
C1 9F2 F . 20.19 0.75 11.17
S1 9F2 F . 19.21 2.06 11.79
C2 9F2 F . 17.78 1.88 10.76
C3 9F2 F . 18.21 1.57 9.34
C4 9F2 F . 17.83 2.54 8.24
S2 9F2 F . 16.07 2.73 8.19
C5 9F2 F . 15.71 4.36 7.94
N1 9F2 F . 15.55 5.21 8.99
C6 9F2 F . 15.26 6.51 8.79
O1 9F2 F . 15.12 7.27 9.78
C7 9F2 F . 15.13 7.02 7.50
O2 9F2 F . 14.87 8.23 7.33
N2 9F2 F . 15.29 6.22 6.44
N3 9F2 F . 15.59 4.87 6.63
C8 9F2 F . 15.76 3.97 5.48
C9 9F2 F . 18.96 0.48 9.05
N4 9F2 F . 20.04 0.33 9.82
C10 9F2 F . 21.26 -0.09 9.64
O3 9F2 F . 21.88 -0.66 8.75
C11 9F2 F . 21.67 0.42 10.99
N5 9F2 F . 22.73 1.32 11.42
C12 9F2 F . 22.81 2.36 12.23
O4 9F2 F . 22.30 2.28 13.33
C13 9F2 F . 23.46 3.63 11.91
N6 9F2 F . 24.53 3.93 12.51
O5 9F2 F . 25.04 3.16 13.34
C14 9F2 F . 25.83 3.69 14.41
C15 9F2 F . 22.87 4.57 10.92
C16 9F2 F . 21.56 4.42 10.43
S3 9F2 F . 21.24 5.71 9.31
C17 9F2 F . 22.81 6.36 9.55
N7 9F2 F . 23.27 7.49 8.92
N8 9F2 F . 23.55 5.66 10.42
C18 9F2 F . 18.69 -0.48 7.98
O6 9F2 F . 18.71 -1.70 8.26
O7 9F2 F . 18.45 -0.08 6.82
P PO4 G . 18.68 -0.35 8.31
O1 PO4 G . 17.68 0.06 9.36
O2 PO4 G . 20.07 -0.33 8.91
O3 PO4 G . 18.37 -1.76 7.85
O4 PO4 G . 18.61 0.58 7.13
P PO4 H . -8.29 -1.86 -26.87
O1 PO4 H . -9.79 -1.82 -26.71
O2 PO4 H . -7.73 -3.09 -26.21
O3 PO4 H . -7.70 -0.63 -26.22
O4 PO4 H . -7.95 -1.87 -28.35
C1 9F2 I . -19.97 -2.18 -10.65
S1 9F2 I . -18.86 -1.02 -11.33
C2 9F2 I . -17.55 -1.02 -10.13
C3 9F2 I . -18.09 -1.23 -8.72
C4 9F2 I . -17.69 -0.27 -7.63
S2 9F2 I . -15.96 0.09 -7.72
C5 9F2 I . -15.80 1.58 -8.50
N1 9F2 I . -16.86 2.12 -9.15
C6 9F2 I . -16.75 3.31 -9.77
O1 9F2 I . -17.73 3.78 -10.37
C7 9F2 I . -15.53 4.00 -9.77
O2 9F2 I . -15.45 5.09 -10.35
N2 9F2 I . -14.47 3.49 -9.14
N3 9F2 I . -14.57 2.26 -8.49
C8 9F2 I . -13.41 1.69 -7.78
C9 9F2 I . -18.92 -2.23 -8.42
N4 9F2 I . -19.96 -2.40 -9.23
C10 9F2 I . -21.24 -2.65 -9.08
O3 9F2 I . -21.97 -2.95 -8.15
C11 9F2 I . -21.51 -2.38 -10.54
N5 9F2 I . -22.46 -1.52 -11.21
C12 9F2 I . -22.45 -0.74 -12.29
O4 9F2 I . -21.85 -1.13 -13.28
C13 9F2 I . -23.08 0.59 -12.39
N6 9F2 I . -24.10 0.73 -13.12
O5 9F2 I . -24.60 -0.22 -13.76
C14 9F2 I . -25.71 0.04 -14.62
C15 9F2 I . -22.53 1.76 -11.66
C16 9F2 I . -21.15 1.96 -11.45
S3 9F2 I . -20.94 3.43 -10.57
C17 9F2 I . -22.63 3.72 -10.52
N7 9F2 I . -23.20 4.81 -9.94
N8 9F2 I . -23.34 2.75 -11.15
C18 9F2 I . -18.77 -3.10 -7.26
O6 9F2 I . -18.89 -2.62 -6.12
O7 9F2 I . -18.52 -4.31 -7.43
P PO4 J . -18.81 -2.13 -7.74
O1 PO4 J . -20.32 -2.17 -7.83
O2 PO4 J . -18.23 -2.80 -8.96
O3 PO4 J . -18.36 -2.84 -6.49
O4 PO4 J . -18.35 -0.69 -7.69
#